data_4IJC
#
_entry.id   4IJC
#
_cell.length_a   70.898
_cell.length_b   91.568
_cell.length_c   107.643
_cell.angle_alpha   90.00
_cell.angle_beta   90.00
_cell.angle_gamma   90.00
#
_symmetry.space_group_name_H-M   'P 21 21 21'
#
loop_
_entity.id
_entity.type
_entity.pdbx_description
1 polymer 'D-arabinose dehydrogenase [NAD(P)+] heavy chain'
2 non-polymer 'SULFATE ION'
3 non-polymer GLYCEROL
4 water water
#
_entity_poly.entity_id   1
_entity_poly.type   'polypeptide(L)'
_entity_poly.pdbx_seq_one_letter_code
;MSSSVASTENIVENMLHPKTTEIYFSLNNGVRIPALGLGTANPHEKLAETKQAVKAAIKAGYRHIDTAWAYETEPFVGEA
IKELLEDGSIKREDLFITTKVWPVLWDEVDRSLNESLKALGLEYVDLLLQHWPLCFEKIKDPKGISGLVKTPVDDSGKTM
YAADGDYLETYKQLEKIYLDPNDHRVRAIGVSNFSIEYLERLIKECRVKPTVNQVETHPHLPQMELRKFCFMHDILLTAY
SPLGSHGAPNLKIPLVKKLAEKYNVTGNDLLISYHIRQGTIVIPRSLNPVRISSSIEFASLTKDELQELNDFGEKYPVRF
IDEPFAAILPEFTGNGPNLDNLKY
;
_entity_poly.pdbx_strand_id   A,B
#
loop_
_chem_comp.id
_chem_comp.type
_chem_comp.name
_chem_comp.formula
GOL non-polymer GLYCEROL 'C3 H8 O3'
SO4 non-polymer 'SULFATE ION' 'O4 S -2'
#
# COMPACT_ATOMS: atom_id res chain seq x y z
N MET A 15 -16.03 -6.40 1.31
CA MET A 15 -16.59 -5.62 0.16
C MET A 15 -15.94 -4.25 -0.01
N LEU A 16 -15.55 -3.65 1.11
CA LEU A 16 -15.03 -2.29 1.14
C LEU A 16 -13.51 -2.28 1.29
N HIS A 17 -12.90 -1.16 0.92
CA HIS A 17 -11.45 -1.02 0.91
C HIS A 17 -11.01 0.28 1.60
N PRO A 18 -9.72 0.39 1.97
CA PRO A 18 -8.70 -0.65 1.85
C PRO A 18 -8.86 -1.74 2.89
N LYS A 19 -8.40 -2.94 2.55
CA LYS A 19 -8.14 -3.95 3.55
C LYS A 19 -6.87 -3.49 4.26
N THR A 20 -6.64 -3.96 5.49
CA THR A 20 -5.44 -3.57 6.22
C THR A 20 -4.16 -4.14 5.55
N THR A 21 -4.34 -5.16 4.71
CA THR A 21 -3.27 -5.77 3.93
C THR A 21 -2.88 -4.90 2.74
N GLU A 22 -3.69 -3.88 2.46
CA GLU A 22 -3.50 -3.01 1.31
C GLU A 22 -2.86 -1.68 1.67
N ILE A 23 -2.44 -1.55 2.93
CA ILE A 23 -1.89 -0.29 3.45
C ILE A 23 -0.38 -0.40 3.65
N TYR A 24 0.36 0.54 3.05
CA TYR A 24 1.81 0.55 3.09
C TYR A 24 2.32 1.89 3.64
N PHE A 25 3.16 1.82 4.67
CA PHE A 25 3.80 3.02 5.22
C PHE A 25 5.21 3.19 4.68
N SER A 26 5.72 4.42 4.73
CA SER A 26 7.06 4.72 4.25
C SER A 26 8.06 4.89 5.40
N LEU A 27 9.09 4.06 5.43
CA LEU A 27 10.19 4.19 6.42
C LEU A 27 11.06 5.38 6.02
N ASN A 28 11.89 5.87 6.96
CA ASN A 28 12.68 7.10 6.74
C ASN A 28 13.79 6.98 5.69
N ASN A 29 14.04 5.76 5.23
CA ASN A 29 15.01 5.55 4.15
C ASN A 29 14.33 5.35 2.79
N GLY A 30 13.03 5.63 2.71
CA GLY A 30 12.26 5.52 1.48
C GLY A 30 11.55 4.18 1.28
N VAL A 31 11.96 3.18 2.05
CA VAL A 31 11.48 1.81 1.87
C VAL A 31 10.06 1.67 2.41
N ARG A 32 9.20 1.03 1.63
CA ARG A 32 7.80 0.84 2.04
C ARG A 32 7.65 -0.42 2.87
N ILE A 33 6.85 -0.32 3.94
CA ILE A 33 6.56 -1.45 4.80
C ILE A 33 5.04 -1.63 4.87
N PRO A 34 4.56 -2.88 4.72
CA PRO A 34 3.13 -3.08 4.91
C PRO A 34 2.76 -2.80 6.36
N ALA A 35 1.71 -1.99 6.54
CA ALA A 35 1.22 -1.59 7.86
C ALA A 35 0.79 -2.77 8.72
N LEU A 36 0.41 -3.86 8.09
CA LEU A 36 -0.03 -5.07 8.80
C LEU A 36 0.98 -6.18 8.61
N GLY A 37 1.42 -6.76 9.72
CA GLY A 37 2.35 -7.87 9.67
C GLY A 37 1.92 -9.00 10.59
N LEU A 38 2.38 -10.20 10.27
CA LEU A 38 2.09 -11.35 11.13
C LEU A 38 3.17 -11.50 12.19
N GLY A 39 2.74 -11.48 13.45
CA GLY A 39 3.61 -11.77 14.58
C GLY A 39 3.83 -13.26 14.72
N THR A 40 5.06 -13.66 15.09
CA THR A 40 5.40 -15.08 15.20
C THR A 40 6.10 -15.50 16.51
N ALA A 41 5.87 -14.74 17.59
CA ALA A 41 6.39 -15.14 18.91
C ALA A 41 5.48 -16.19 19.56
N ASN A 42 5.37 -17.34 18.90
CA ASN A 42 4.44 -18.38 19.30
C ASN A 42 4.93 -19.27 20.46
N PRO A 43 4.00 -19.81 21.27
CA PRO A 43 4.37 -20.63 22.43
C PRO A 43 5.22 -21.84 22.02
N HIS A 44 6.05 -22.30 22.95
CA HIS A 44 7.00 -23.39 22.68
C HIS A 44 6.33 -24.67 22.20
N GLU A 45 5.15 -24.97 22.75
CA GLU A 45 4.36 -26.14 22.37
C GLU A 45 3.84 -26.04 20.93
N LYS A 46 3.74 -24.81 20.42
CA LYS A 46 3.08 -24.55 19.15
C LYS A 46 4.01 -23.98 18.06
N LEU A 47 5.33 -24.08 18.27
CA LEU A 47 6.31 -23.51 17.33
C LEU A 47 6.08 -23.90 15.88
N ALA A 48 5.84 -25.19 15.64
CA ALA A 48 5.64 -25.72 14.29
C ALA A 48 4.41 -25.16 13.58
N GLU A 49 3.40 -24.76 14.36
CA GLU A 49 2.14 -24.25 13.80
C GLU A 49 2.30 -22.90 13.09
N THR A 50 3.46 -22.27 13.27
CA THR A 50 3.79 -21.00 12.62
C THR A 50 3.77 -21.13 11.10
N LYS A 51 4.21 -22.28 10.58
CA LYS A 51 4.31 -22.51 9.15
C LYS A 51 2.97 -22.29 8.43
N GLN A 52 1.93 -22.99 8.88
CA GLN A 52 0.59 -22.87 8.30
C GLN A 52 0.02 -21.46 8.48
N ALA A 53 0.40 -20.80 9.58
CA ALA A 53 -0.05 -19.45 9.87
C ALA A 53 0.54 -18.46 8.87
N VAL A 54 1.82 -18.60 8.57
CA VAL A 54 2.50 -17.74 7.59
C VAL A 54 1.90 -17.94 6.21
N LYS A 55 1.77 -19.20 5.79
CA LYS A 55 1.17 -19.55 4.51
C LYS A 55 -0.23 -18.97 4.38
N ALA A 56 -1.04 -19.14 5.44
CA ALA A 56 -2.41 -18.62 5.45
C ALA A 56 -2.42 -17.10 5.33
N ALA A 57 -1.51 -16.45 6.05
CA ALA A 57 -1.38 -15.00 6.04
C ALA A 57 -1.05 -14.47 4.64
N ILE A 58 0.00 -15.02 4.03
CA ILE A 58 0.44 -14.56 2.72
C ILE A 58 -0.62 -14.78 1.65
N LYS A 59 -1.23 -15.97 1.63
CA LYS A 59 -2.33 -16.24 0.70
C LYS A 59 -3.52 -15.30 0.88
N ALA A 60 -3.76 -14.88 2.13
CA ALA A 60 -4.82 -13.93 2.46
C ALA A 60 -4.48 -12.47 2.10
N GLY A 61 -3.20 -12.21 1.82
CA GLY A 61 -2.78 -10.89 1.39
C GLY A 61 -1.69 -10.22 2.19
N TYR A 62 -1.34 -10.78 3.35
CA TYR A 62 -0.22 -10.28 4.17
C TYR A 62 1.04 -10.27 3.31
N ARG A 63 1.81 -9.20 3.43
CA ARG A 63 3.11 -9.10 2.73
C ARG A 63 4.23 -8.76 3.71
N HIS A 64 3.95 -8.95 4.99
CA HIS A 64 4.84 -8.58 6.10
C HIS A 64 4.82 -9.72 7.12
N ILE A 65 5.98 -10.33 7.36
CA ILE A 65 6.12 -11.32 8.43
C ILE A 65 7.19 -10.85 9.41
N ASP A 66 6.83 -10.83 10.69
CA ASP A 66 7.74 -10.41 11.76
C ASP A 66 8.16 -11.62 12.58
N THR A 67 9.46 -11.79 12.76
CA THR A 67 10.01 -12.90 13.53
C THR A 67 11.24 -12.45 14.33
N ALA A 68 11.92 -13.39 14.98
CA ALA A 68 13.14 -13.09 15.75
C ALA A 68 14.00 -14.32 15.92
N TRP A 69 15.30 -14.09 16.06
CA TRP A 69 16.28 -15.11 16.44
C TRP A 69 15.79 -15.84 17.70
N ALA A 70 15.29 -15.07 18.66
CA ALA A 70 14.86 -15.60 19.96
C ALA A 70 13.60 -16.47 19.94
N TYR A 71 12.77 -16.33 18.91
CA TYR A 71 11.46 -17.02 18.89
C TYR A 71 11.55 -18.50 18.61
N GLU A 72 12.58 -18.90 17.86
CA GLU A 72 12.74 -20.26 17.34
C GLU A 72 11.67 -20.62 16.30
N THR A 73 11.01 -19.59 15.75
CA THR A 73 10.01 -19.77 14.71
C THR A 73 10.55 -19.46 13.30
N GLU A 74 11.74 -18.87 13.23
CA GLU A 74 12.40 -18.62 11.94
C GLU A 74 12.39 -19.81 10.95
N PRO A 75 12.74 -21.03 11.40
CA PRO A 75 12.73 -22.16 10.44
C PRO A 75 11.35 -22.40 9.81
N PHE A 76 10.29 -22.24 10.60
CA PHE A 76 8.93 -22.46 10.11
C PHE A 76 8.42 -21.33 9.24
N VAL A 77 8.83 -20.10 9.57
CA VAL A 77 8.62 -18.95 8.68
C VAL A 77 9.33 -19.20 7.34
N GLY A 78 10.60 -19.61 7.40
CA GLY A 78 11.39 -19.89 6.20
C GLY A 78 10.82 -21.02 5.35
N GLU A 79 10.33 -22.07 6.01
CA GLU A 79 9.76 -23.23 5.33
C GLU A 79 8.46 -22.86 4.61
N ALA A 80 7.64 -22.05 5.26
CA ALA A 80 6.42 -21.52 4.66
C ALA A 80 6.72 -20.67 3.41
N ILE A 81 7.67 -19.73 3.55
CA ILE A 81 8.11 -18.87 2.44
C ILE A 81 8.65 -19.68 1.27
N LYS A 82 9.53 -20.65 1.57
CA LYS A 82 10.14 -21.46 0.53
C LYS A 82 9.10 -22.16 -0.35
N GLU A 83 8.11 -22.78 0.27
CA GLU A 83 7.02 -23.46 -0.45
C GLU A 83 6.18 -22.51 -1.30
N LEU A 84 5.96 -21.29 -0.81
CA LEU A 84 5.23 -20.28 -1.57
C LEU A 84 6.05 -19.71 -2.74
N LEU A 85 7.36 -19.51 -2.52
CA LEU A 85 8.27 -19.15 -3.60
C LEU A 85 8.30 -20.24 -4.68
N GLU A 86 8.45 -21.48 -4.25
CA GLU A 86 8.64 -22.60 -5.16
C GLU A 86 7.43 -22.94 -6.04
N ASP A 87 6.22 -22.63 -5.56
CA ASP A 87 5.03 -22.90 -6.36
C ASP A 87 4.50 -21.66 -7.11
N GLY A 88 5.23 -20.56 -6.99
CA GLY A 88 4.91 -19.32 -7.72
C GLY A 88 3.79 -18.48 -7.14
N SER A 89 3.42 -18.76 -5.89
CA SER A 89 2.40 -17.98 -5.19
C SER A 89 2.90 -16.57 -4.87
N ILE A 90 4.21 -16.44 -4.70
CA ILE A 90 4.83 -15.20 -4.26
C ILE A 90 6.27 -15.10 -4.76
N LYS A 91 6.78 -13.87 -4.86
CA LYS A 91 8.20 -13.62 -5.09
C LYS A 91 8.82 -12.94 -3.88
N ARG A 92 10.12 -13.17 -3.67
CA ARG A 92 10.85 -12.60 -2.52
C ARG A 92 10.63 -11.11 -2.37
N GLU A 93 10.74 -10.38 -3.48
CA GLU A 93 10.63 -8.92 -3.49
C GLU A 93 9.24 -8.42 -3.11
N ASP A 94 8.25 -9.31 -3.17
CA ASP A 94 6.88 -8.99 -2.77
C ASP A 94 6.75 -8.91 -1.25
N LEU A 95 7.68 -9.55 -0.54
CA LEU A 95 7.56 -9.74 0.90
C LEU A 95 8.45 -8.80 1.72
N PHE A 96 7.97 -8.48 2.91
CA PHE A 96 8.73 -7.74 3.90
C PHE A 96 8.96 -8.64 5.11
N ILE A 97 10.23 -8.96 5.35
CA ILE A 97 10.57 -9.88 6.43
C ILE A 97 11.42 -9.18 7.47
N THR A 98 10.95 -9.24 8.72
CA THR A 98 11.65 -8.65 9.85
C THR A 98 12.18 -9.72 10.78
N THR A 99 13.44 -9.57 11.21
CA THR A 99 13.96 -10.34 12.34
C THR A 99 14.74 -9.46 13.31
N LYS A 100 15.23 -10.05 14.40
CA LYS A 100 15.73 -9.27 15.54
C LYS A 100 16.93 -9.94 16.22
N VAL A 101 17.84 -9.11 16.74
CA VAL A 101 18.99 -9.57 17.52
C VAL A 101 18.67 -9.56 19.01
N TRP A 102 18.85 -10.71 19.66
CA TRP A 102 18.56 -10.89 21.09
C TRP A 102 19.75 -10.45 21.95
N PRO A 103 19.49 -9.95 23.19
CA PRO A 103 20.57 -9.42 24.04
C PRO A 103 21.71 -10.40 24.35
N VAL A 104 21.49 -11.70 24.18
CA VAL A 104 22.57 -12.66 24.40
C VAL A 104 23.65 -12.49 23.32
N LEU A 105 23.25 -12.02 22.14
CA LEU A 105 24.19 -11.70 21.08
C LEU A 105 24.27 -10.19 20.84
N TRP A 106 24.17 -9.41 21.92
CA TRP A 106 24.22 -7.94 21.88
C TRP A 106 25.47 -7.40 21.17
N ASP A 107 26.57 -8.15 21.24
CA ASP A 107 27.83 -7.72 20.64
C ASP A 107 28.25 -8.64 19.48
N GLU A 108 27.31 -9.47 19.02
CA GLU A 108 27.57 -10.37 17.91
C GLU A 108 26.41 -10.33 16.90
N VAL A 109 26.15 -9.13 16.39
CA VAL A 109 25.06 -8.88 15.44
C VAL A 109 25.27 -9.63 14.13
N ASP A 110 26.50 -9.62 13.63
CA ASP A 110 26.85 -10.33 12.40
C ASP A 110 26.48 -11.82 12.51
N ARG A 111 26.89 -12.45 13.61
CA ARG A 111 26.57 -13.84 13.89
C ARG A 111 25.05 -14.06 13.95
N SER A 112 24.36 -13.18 14.66
CA SER A 112 22.91 -13.28 14.83
C SER A 112 22.22 -13.23 13.47
N LEU A 113 22.62 -12.26 12.65
CA LEU A 113 22.06 -12.08 11.31
C LEU A 113 22.29 -13.30 10.44
N ASN A 114 23.54 -13.78 10.39
CA ASN A 114 23.85 -14.98 9.61
C ASN A 114 23.08 -16.20 10.08
N GLU A 115 22.93 -16.33 11.40
CA GLU A 115 22.16 -17.42 11.98
C GLU A 115 20.67 -17.33 11.61
N SER A 116 20.11 -16.13 11.69
CA SER A 116 18.72 -15.88 11.28
C SER A 116 18.52 -16.18 9.79
N LEU A 117 19.46 -15.72 8.96
CA LEU A 117 19.38 -15.91 7.52
C LEU A 117 19.41 -17.39 7.15
N LYS A 118 20.26 -18.15 7.84
CA LYS A 118 20.31 -19.59 7.66
C LYS A 118 18.97 -20.23 8.07
N ALA A 119 18.46 -19.88 9.25
CA ALA A 119 17.19 -20.43 9.73
C ALA A 119 16.03 -20.11 8.80
N LEU A 120 16.01 -18.88 8.29
CA LEU A 120 14.97 -18.41 7.38
C LEU A 120 15.11 -18.91 5.95
N GLY A 121 16.31 -19.36 5.58
CA GLY A 121 16.61 -19.78 4.21
C GLY A 121 16.56 -18.60 3.23
N LEU A 122 16.96 -17.42 3.70
CA LEU A 122 16.91 -16.21 2.88
C LEU A 122 18.29 -15.59 2.71
N GLU A 123 18.43 -14.76 1.68
CA GLU A 123 19.69 -14.05 1.41
C GLU A 123 19.73 -12.67 2.08
N TYR A 124 18.55 -12.14 2.40
CA TYR A 124 18.43 -10.86 3.07
C TYR A 124 17.11 -10.79 3.85
N VAL A 125 17.10 -9.92 4.85
CA VAL A 125 15.87 -9.51 5.54
C VAL A 125 15.64 -8.05 5.22
N ASP A 126 14.37 -7.63 5.24
CA ASP A 126 14.06 -6.25 4.94
C ASP A 126 14.36 -5.35 6.12
N LEU A 127 14.12 -5.87 7.32
CA LEU A 127 14.31 -5.09 8.52
C LEU A 127 14.98 -5.93 9.60
N LEU A 128 16.03 -5.38 10.19
CA LEU A 128 16.75 -6.06 11.28
C LEU A 128 16.75 -5.16 12.51
N LEU A 129 16.22 -5.68 13.61
CA LEU A 129 16.03 -4.91 14.84
C LEU A 129 16.91 -5.35 16.00
N GLN A 130 17.28 -4.38 16.84
CA GLN A 130 17.74 -4.67 18.18
C GLN A 130 16.50 -4.99 19.01
N HIS A 131 16.43 -6.22 19.53
CA HIS A 131 15.20 -6.70 20.17
C HIS A 131 14.94 -5.99 21.50
N TRP A 132 16.01 -5.77 22.27
CA TRP A 132 15.95 -5.07 23.54
C TRP A 132 17.18 -4.23 23.74
N PRO A 133 17.01 -3.07 24.42
CA PRO A 133 18.16 -2.28 24.85
C PRO A 133 18.84 -2.93 26.06
N LEU A 134 19.26 -4.18 25.91
CA LEU A 134 19.85 -4.95 27.00
C LEU A 134 21.01 -5.81 26.50
N CYS A 135 21.86 -6.27 27.43
CA CYS A 135 22.96 -7.17 27.13
C CYS A 135 22.97 -8.32 28.13
N PHE A 136 22.89 -9.56 27.63
CA PHE A 136 22.90 -10.73 28.50
C PHE A 136 24.28 -11.40 28.49
N GLU A 137 24.67 -11.96 29.62
CA GLU A 137 25.85 -12.84 29.68
C GLU A 137 25.64 -14.06 28.80
N LYS A 138 26.74 -14.57 28.26
CA LYS A 138 26.72 -15.78 27.44
C LYS A 138 27.00 -17.00 28.31
N ILE A 139 25.95 -17.78 28.57
CA ILE A 139 26.08 -18.99 29.36
C ILE A 139 25.95 -20.17 28.42
N LYS A 140 26.96 -21.05 28.42
CA LYS A 140 26.99 -22.21 27.54
C LYS A 140 25.93 -23.25 27.93
N ASP A 141 25.20 -23.72 26.92
CA ASP A 141 24.18 -24.75 27.05
C ASP A 141 23.89 -25.37 25.68
N PRO A 142 24.53 -26.49 25.37
CA PRO A 142 24.28 -27.20 24.11
C PRO A 142 22.79 -27.38 23.82
N LYS A 143 22.00 -27.44 24.89
CA LYS A 143 20.55 -27.59 24.81
C LYS A 143 19.82 -26.28 24.50
N GLY A 144 20.48 -25.14 24.70
CA GLY A 144 19.88 -23.82 24.45
C GLY A 144 19.83 -23.43 22.98
N ILE A 145 19.62 -22.14 22.74
CA ILE A 145 19.63 -21.59 21.37
C ILE A 145 21.06 -21.24 20.95
N SER A 146 21.50 -21.84 19.84
CA SER A 146 22.87 -21.66 19.31
C SER A 146 23.94 -21.96 20.37
N GLY A 147 23.64 -22.92 21.25
CA GLY A 147 24.56 -23.34 22.30
C GLY A 147 24.62 -22.41 23.50
N LEU A 148 23.62 -21.53 23.62
CA LEU A 148 23.60 -20.51 24.65
C LEU A 148 22.26 -20.46 25.38
N VAL A 149 22.30 -20.11 26.66
CA VAL A 149 21.06 -19.85 27.41
C VAL A 149 20.46 -18.56 26.87
N LYS A 150 19.18 -18.63 26.50
CA LYS A 150 18.47 -17.50 25.90
C LYS A 150 18.41 -16.30 26.84
N THR A 151 17.83 -16.51 28.02
CA THR A 151 17.73 -15.47 29.04
C THR A 151 18.29 -16.02 30.35
N PRO A 152 19.60 -15.84 30.59
CA PRO A 152 20.29 -16.45 31.73
C PRO A 152 19.92 -15.87 33.09
N VAL A 153 19.64 -16.75 34.04
CA VAL A 153 19.46 -16.38 35.45
C VAL A 153 20.52 -17.09 36.28
N ASP A 154 21.03 -16.41 37.31
CA ASP A 154 22.01 -17.02 38.21
C ASP A 154 21.32 -17.97 39.18
N ASP A 155 22.11 -18.58 40.07
CA ASP A 155 21.59 -19.50 41.08
C ASP A 155 20.55 -18.82 41.99
N SER A 156 20.70 -17.50 42.17
CA SER A 156 19.77 -16.70 42.97
C SER A 156 18.46 -16.42 42.23
N GLY A 157 18.44 -16.71 40.93
CA GLY A 157 17.24 -16.56 40.12
C GLY A 157 17.12 -15.24 39.38
N LYS A 158 18.13 -14.39 39.52
CA LYS A 158 18.14 -13.06 38.90
C LYS A 158 18.84 -13.07 37.54
N THR A 159 18.36 -12.20 36.64
CA THR A 159 18.88 -12.10 35.28
C THR A 159 20.37 -11.72 35.26
N MET A 160 21.13 -12.43 34.44
CA MET A 160 22.57 -12.22 34.33
C MET A 160 22.92 -11.28 33.17
N TYR A 161 23.04 -10.00 33.48
CA TYR A 161 23.39 -8.99 32.49
C TYR A 161 24.89 -9.01 32.22
N ALA A 162 25.29 -8.66 31.00
CA ALA A 162 26.70 -8.55 30.65
C ALA A 162 27.30 -7.34 31.36
N ALA A 163 28.34 -7.57 32.16
CA ALA A 163 28.96 -6.52 32.98
C ALA A 163 29.59 -5.40 32.16
N ASP A 164 30.29 -5.77 31.09
CA ASP A 164 30.93 -4.81 30.19
C ASP A 164 29.95 -4.28 29.13
N GLY A 165 28.68 -4.68 29.24
CA GLY A 165 27.68 -4.41 28.22
C GLY A 165 27.22 -2.97 28.05
N ASP A 166 27.24 -2.52 26.79
CA ASP A 166 26.57 -1.28 26.39
C ASP A 166 25.56 -1.63 25.30
N TYR A 167 24.28 -1.42 25.60
CA TYR A 167 23.19 -1.79 24.69
C TYR A 167 23.30 -1.12 23.32
N LEU A 168 23.89 0.07 23.29
CA LEU A 168 24.00 0.85 22.05
C LEU A 168 25.01 0.25 21.07
N GLU A 169 25.93 -0.56 21.58
CA GLU A 169 26.87 -1.29 20.74
C GLU A 169 26.17 -2.20 19.73
N THR A 170 25.04 -2.78 20.15
CA THR A 170 24.20 -3.59 19.25
C THR A 170 23.77 -2.75 18.04
N TYR A 171 23.19 -1.58 18.31
CA TYR A 171 22.73 -0.70 17.23
C TYR A 171 23.88 -0.22 16.35
N LYS A 172 25.04 0.04 16.95
CA LYS A 172 26.20 0.48 16.19
C LYS A 172 26.70 -0.61 15.24
N GLN A 173 26.54 -1.87 15.63
CA GLN A 173 26.88 -2.99 14.76
C GLN A 173 25.85 -3.13 13.63
N LEU A 174 24.58 -2.83 13.94
CA LEU A 174 23.50 -2.82 12.96
C LEU A 174 23.75 -1.77 11.86
N GLU A 175 24.12 -0.56 12.29
CA GLU A 175 24.51 0.51 11.36
C GLU A 175 25.61 0.09 10.38
N LYS A 176 26.67 -0.51 10.91
CA LYS A 176 27.82 -0.93 10.09
C LYS A 176 27.39 -1.85 8.96
N ILE A 177 26.55 -2.83 9.29
CA ILE A 177 26.01 -3.76 8.30
C ILE A 177 25.13 -3.02 7.30
N TYR A 178 24.30 -2.10 7.80
CA TYR A 178 23.38 -1.32 6.98
C TYR A 178 24.10 -0.35 6.02
N LEU A 179 25.16 0.29 6.49
CA LEU A 179 25.86 1.31 5.72
C LEU A 179 26.90 0.75 4.73
N ASP A 180 27.33 -0.50 4.95
CA ASP A 180 28.30 -1.19 4.11
C ASP A 180 27.75 -1.38 2.69
N PRO A 181 28.35 -0.70 1.70
CA PRO A 181 27.90 -0.76 0.30
C PRO A 181 27.97 -2.16 -0.31
N ASN A 182 28.76 -3.03 0.30
CA ASN A 182 28.97 -4.37 -0.25
C ASN A 182 28.24 -5.46 0.54
N ASP A 183 27.43 -5.03 1.49
CA ASP A 183 26.62 -5.91 2.30
C ASP A 183 25.15 -5.68 1.96
N HIS A 184 24.48 -6.73 1.47
CA HIS A 184 23.10 -6.59 1.05
C HIS A 184 22.16 -7.48 1.86
N ARG A 185 22.57 -7.79 3.09
CA ARG A 185 21.78 -8.65 3.97
C ARG A 185 20.58 -7.93 4.61
N VAL A 186 20.63 -6.60 4.67
CA VAL A 186 19.51 -5.82 5.23
C VAL A 186 19.09 -4.65 4.32
N ARG A 187 17.85 -4.22 4.47
CA ARG A 187 17.34 -3.07 3.73
C ARG A 187 16.98 -1.92 4.68
N ALA A 188 16.92 -2.24 5.97
CA ALA A 188 16.54 -1.28 7.01
C ALA A 188 16.92 -1.81 8.38
N ILE A 189 17.17 -0.89 9.32
CA ILE A 189 17.40 -1.25 10.71
C ILE A 189 16.52 -0.42 11.63
N GLY A 190 16.34 -0.93 12.84
CA GLY A 190 15.56 -0.22 13.84
C GLY A 190 15.77 -0.87 15.17
N VAL A 191 14.85 -0.59 16.10
CA VAL A 191 14.97 -1.02 17.47
C VAL A 191 13.63 -1.50 18.02
N SER A 192 13.67 -2.07 19.22
CA SER A 192 12.46 -2.55 19.84
C SER A 192 12.60 -2.32 21.34
N ASN A 193 11.50 -1.90 21.95
CA ASN A 193 11.43 -1.70 23.40
C ASN A 193 12.34 -0.58 23.90
N PHE A 194 12.52 0.44 23.07
CA PHE A 194 13.31 1.60 23.42
C PHE A 194 12.44 2.69 24.02
N SER A 195 13.00 3.37 25.02
CA SER A 195 12.36 4.53 25.62
C SER A 195 12.79 5.80 24.89
N ILE A 196 12.10 6.91 25.17
CA ILE A 196 12.51 8.21 24.66
C ILE A 196 13.99 8.49 24.97
N GLU A 197 14.39 8.22 26.22
CA GLU A 197 15.74 8.53 26.66
C GLU A 197 16.79 7.73 25.91
N TYR A 198 16.50 6.45 25.67
CA TYR A 198 17.40 5.57 24.94
C TYR A 198 17.48 5.95 23.46
N LEU A 199 16.35 6.35 22.89
CA LEU A 199 16.32 6.89 21.53
C LEU A 199 17.13 8.18 21.43
N GLU A 200 17.02 9.04 22.45
CA GLU A 200 17.78 10.30 22.48
C GLU A 200 19.30 10.08 22.51
N ARG A 201 19.75 9.12 23.32
CA ARG A 201 21.18 8.76 23.33
C ARG A 201 21.59 8.16 21.98
N LEU A 202 20.71 7.34 21.39
CA LEU A 202 20.97 6.76 20.07
C LEU A 202 21.18 7.86 19.03
N ILE A 203 20.28 8.84 18.99
CA ILE A 203 20.34 9.93 18.01
C ILE A 203 21.60 10.78 18.18
N LYS A 204 21.98 11.03 19.43
CA LYS A 204 23.18 11.79 19.75
C LYS A 204 24.47 11.07 19.32
N GLU A 205 24.49 9.75 19.47
CA GLU A 205 25.72 9.00 19.31
C GLU A 205 25.86 8.27 17.96
N CYS A 206 24.75 8.09 17.26
CA CYS A 206 24.73 7.28 16.04
C CYS A 206 24.33 8.07 14.78
N ARG A 207 24.65 7.51 13.62
CA ARG A 207 24.46 8.17 12.32
C ARG A 207 23.12 7.83 11.64
N VAL A 208 22.61 6.64 11.92
CA VAL A 208 21.41 6.13 11.23
C VAL A 208 20.19 6.24 12.14
N LYS A 209 19.18 6.96 11.67
CA LYS A 209 17.91 7.04 12.37
C LYS A 209 17.15 5.73 12.25
N PRO A 210 16.80 5.10 13.39
CA PRO A 210 16.05 3.84 13.32
C PRO A 210 14.75 4.01 12.56
N THR A 211 14.47 3.07 11.65
CA THR A 211 13.26 3.16 10.84
C THR A 211 12.02 2.91 11.68
N VAL A 212 12.15 2.01 12.66
CA VAL A 212 11.05 1.73 13.59
C VAL A 212 11.52 1.64 15.04
N ASN A 213 10.57 1.83 15.95
CA ASN A 213 10.71 1.38 17.33
C ASN A 213 9.53 0.45 17.64
N GLN A 214 9.81 -0.84 17.78
CA GLN A 214 8.76 -1.82 18.02
C GLN A 214 8.48 -1.98 19.50
N VAL A 215 7.25 -1.67 19.92
CA VAL A 215 6.89 -1.70 21.33
C VAL A 215 5.47 -2.24 21.51
N GLU A 216 5.17 -2.72 22.71
CA GLU A 216 3.79 -3.03 23.07
C GLU A 216 3.01 -1.72 23.09
N THR A 217 1.91 -1.69 22.36
CA THR A 217 0.95 -0.58 22.44
C THR A 217 -0.43 -1.01 21.97
N HIS A 218 -1.45 -0.39 22.56
CA HIS A 218 -2.86 -0.72 22.34
C HIS A 218 -3.70 0.25 23.20
N PRO A 219 -5.04 0.12 23.18
CA PRO A 219 -5.86 1.01 23.99
C PRO A 219 -5.53 1.03 25.49
N HIS A 220 -5.05 -0.09 26.04
CA HIS A 220 -4.62 -0.12 27.44
C HIS A 220 -3.25 0.56 27.66
N LEU A 221 -2.43 0.61 26.60
CA LEU A 221 -1.10 1.23 26.67
C LEU A 221 -0.86 2.09 25.44
N PRO A 222 -1.42 3.33 25.44
CA PRO A 222 -1.41 4.19 24.25
C PRO A 222 -0.01 4.69 23.86
N GLN A 223 0.89 4.81 24.84
CA GLN A 223 2.27 5.26 24.61
C GLN A 223 2.33 6.63 23.91
N MET A 224 1.48 7.55 24.37
CA MET A 224 1.29 8.85 23.73
C MET A 224 2.59 9.65 23.54
N GLU A 225 3.41 9.65 24.58
CA GLU A 225 4.66 10.42 24.58
C GLU A 225 5.69 9.85 23.59
N LEU A 226 5.77 8.53 23.53
CA LEU A 226 6.68 7.87 22.59
C LEU A 226 6.23 8.09 21.14
N ARG A 227 4.91 8.10 20.93
CA ARG A 227 4.34 8.37 19.59
C ARG A 227 4.78 9.72 19.07
N LYS A 228 4.65 10.75 19.91
CA LYS A 228 4.99 12.12 19.56
C LYS A 228 6.48 12.27 19.23
N PHE A 229 7.34 11.72 20.08
CA PHE A 229 8.77 11.78 19.87
C PHE A 229 9.16 11.10 18.55
N CYS A 230 8.66 9.89 18.33
CA CYS A 230 9.00 9.11 17.13
C CYS A 230 8.54 9.80 15.84
N PHE A 231 7.33 10.36 15.87
CA PHE A 231 6.81 11.15 14.74
C PHE A 231 7.74 12.32 14.42
N MET A 232 8.15 13.07 15.45
CA MET A 232 9.03 14.22 15.27
C MET A 232 10.39 13.83 14.67
N HIS A 233 10.89 12.65 15.03
CA HIS A 233 12.19 12.22 14.55
C HIS A 233 12.12 11.21 13.41
N ASP A 234 10.95 11.14 12.75
CA ASP A 234 10.72 10.23 11.62
C ASP A 234 11.12 8.78 11.93
N ILE A 235 10.64 8.29 13.05
CA ILE A 235 10.75 6.90 13.44
C ILE A 235 9.32 6.37 13.51
N LEU A 236 9.04 5.28 12.80
CA LEU A 236 7.72 4.68 12.86
C LEU A 236 7.60 3.75 14.07
N LEU A 237 6.45 3.75 14.73
CA LEU A 237 6.16 2.77 15.76
C LEU A 237 5.62 1.50 15.14
N THR A 238 6.03 0.36 15.68
CA THR A 238 5.39 -0.91 15.40
C THR A 238 4.75 -1.42 16.69
N ALA A 239 3.45 -1.66 16.65
CA ALA A 239 2.72 -2.17 17.80
C ALA A 239 2.78 -3.69 17.86
N TYR A 240 3.27 -4.24 18.96
CA TYR A 240 3.10 -5.68 19.23
C TYR A 240 2.11 -5.95 20.36
N SER A 241 1.69 -7.21 20.46
CA SER A 241 0.62 -7.63 21.37
C SER A 241 -0.57 -6.66 21.41
N PRO A 242 -1.17 -6.37 20.22
CA PRO A 242 -2.27 -5.41 20.16
C PRO A 242 -3.57 -5.87 20.83
N LEU A 243 -3.72 -7.18 21.05
CA LEU A 243 -4.89 -7.71 21.74
C LEU A 243 -4.67 -7.81 23.24
N GLY A 244 -3.42 -7.64 23.66
CA GLY A 244 -3.06 -7.64 25.08
C GLY A 244 -2.60 -8.98 25.61
N SER A 245 -2.00 -9.79 24.75
CA SER A 245 -1.46 -11.11 25.11
C SER A 245 -2.55 -12.09 25.61
N HIS A 246 -2.15 -13.00 26.49
CA HIS A 246 -2.99 -14.12 26.93
C HIS A 246 -4.45 -13.74 27.20
N GLY A 247 -5.36 -14.48 26.56
CA GLY A 247 -6.79 -14.29 26.71
C GLY A 247 -7.34 -13.08 25.97
N ALA A 248 -6.50 -12.44 25.16
CA ALA A 248 -6.86 -11.26 24.37
C ALA A 248 -7.80 -10.30 25.11
N PRO A 249 -7.34 -9.74 26.26
CA PRO A 249 -8.21 -8.94 27.12
C PRO A 249 -8.77 -7.68 26.45
N ASN A 250 -8.02 -7.08 25.53
CA ASN A 250 -8.43 -5.85 24.88
C ASN A 250 -9.74 -5.99 24.09
N LEU A 251 -10.02 -7.20 23.64
CA LEU A 251 -11.28 -7.51 22.95
C LEU A 251 -12.51 -7.21 23.82
N LYS A 252 -12.29 -7.22 25.13
CA LYS A 252 -13.37 -7.04 26.11
C LYS A 252 -13.60 -5.58 26.52
N ILE A 253 -12.73 -4.67 26.08
CA ILE A 253 -12.90 -3.24 26.34
C ILE A 253 -14.23 -2.75 25.72
N PRO A 254 -15.16 -2.24 26.56
CA PRO A 254 -16.48 -1.80 26.08
C PRO A 254 -16.41 -0.90 24.84
N LEU A 255 -15.49 0.06 24.86
CA LEU A 255 -15.32 1.01 23.75
C LEU A 255 -14.87 0.29 22.47
N VAL A 256 -14.06 -0.76 22.61
CA VAL A 256 -13.61 -1.56 21.46
C VAL A 256 -14.77 -2.31 20.80
N LYS A 257 -15.58 -3.00 21.59
CA LYS A 257 -16.77 -3.70 21.08
C LYS A 257 -17.75 -2.73 20.42
N LYS A 258 -17.88 -1.55 21.04
CA LYS A 258 -18.78 -0.49 20.58
C LYS A 258 -18.40 -0.02 19.18
N LEU A 259 -17.14 0.36 19.01
CA LEU A 259 -16.66 0.88 17.74
C LEU A 259 -16.59 -0.22 16.68
N ALA A 260 -16.30 -1.45 17.10
CA ALA A 260 -16.32 -2.61 16.21
C ALA A 260 -17.70 -2.80 15.55
N GLU A 261 -18.77 -2.76 16.36
CA GLU A 261 -20.13 -2.83 15.84
C GLU A 261 -20.47 -1.65 14.92
N LYS A 262 -20.02 -0.45 15.30
CA LYS A 262 -20.23 0.75 14.50
C LYS A 262 -19.62 0.61 13.10
N TYR A 263 -18.36 0.17 13.05
CA TYR A 263 -17.64 0.07 11.78
C TYR A 263 -17.83 -1.27 11.06
N ASN A 264 -18.72 -2.11 11.60
CA ASN A 264 -19.05 -3.40 10.99
C ASN A 264 -17.81 -4.28 10.82
N VAL A 265 -16.99 -4.31 11.87
CA VAL A 265 -15.76 -5.11 11.88
C VAL A 265 -15.68 -5.89 13.20
N THR A 266 -14.79 -6.88 13.25
CA THR A 266 -14.54 -7.61 14.50
C THR A 266 -13.72 -6.76 15.47
N GLY A 267 -13.69 -7.18 16.73
CA GLY A 267 -12.82 -6.55 17.73
C GLY A 267 -11.35 -6.60 17.32
N ASN A 268 -10.94 -7.72 16.70
CA ASN A 268 -9.58 -7.90 16.20
C ASN A 268 -9.24 -6.79 15.21
N ASP A 269 -10.14 -6.59 14.24
CA ASP A 269 -9.98 -5.57 13.22
C ASP A 269 -9.88 -4.17 13.81
N LEU A 270 -10.67 -3.91 14.85
CA LEU A 270 -10.69 -2.59 15.49
C LEU A 270 -9.38 -2.31 16.21
N LEU A 271 -8.84 -3.32 16.89
CA LEU A 271 -7.57 -3.21 17.59
C LEU A 271 -6.37 -3.07 16.65
N ILE A 272 -6.49 -3.65 15.46
CA ILE A 272 -5.50 -3.44 14.40
C ILE A 272 -5.61 -2.01 13.84
N SER A 273 -6.84 -1.63 13.47
CA SER A 273 -7.14 -0.32 12.89
C SER A 273 -6.74 0.85 13.80
N TYR A 274 -6.88 0.65 15.11
CA TYR A 274 -6.48 1.65 16.11
C TYR A 274 -5.07 2.16 15.81
N HIS A 275 -4.16 1.23 15.52
CA HIS A 275 -2.77 1.58 15.23
C HIS A 275 -2.57 2.12 13.82
N ILE A 276 -3.09 1.42 12.83
CA ILE A 276 -2.90 1.79 11.43
C ILE A 276 -3.43 3.22 11.18
N ARG A 277 -4.57 3.54 11.80
CA ARG A 277 -5.15 4.88 11.70
C ARG A 277 -4.21 5.97 12.20
N GLN A 278 -3.40 5.64 13.20
CA GLN A 278 -2.45 6.58 13.78
C GLN A 278 -1.07 6.52 13.11
N GLY A 279 -0.97 5.75 12.04
CA GLY A 279 0.29 5.63 11.29
C GLY A 279 1.27 4.69 11.96
N THR A 280 0.73 3.79 12.77
CA THR A 280 1.52 2.80 13.49
C THR A 280 1.39 1.44 12.82
N ILE A 281 2.54 0.84 12.50
CA ILE A 281 2.61 -0.53 12.00
C ILE A 281 2.13 -1.45 13.12
N VAL A 282 1.45 -2.54 12.74
CA VAL A 282 0.90 -3.44 13.76
C VAL A 282 1.13 -4.90 13.35
N ILE A 283 1.56 -5.71 14.33
CA ILE A 283 1.88 -7.12 14.08
C ILE A 283 1.13 -8.10 15.00
N PRO A 284 -0.18 -8.28 14.77
CA PRO A 284 -0.91 -9.24 15.61
C PRO A 284 -0.36 -10.65 15.39
N ARG A 285 -0.18 -11.38 16.50
CA ARG A 285 0.26 -12.76 16.44
C ARG A 285 -0.96 -13.67 16.43
N SER A 286 -0.97 -14.63 15.52
CA SER A 286 -2.05 -15.61 15.46
C SER A 286 -1.59 -16.92 14.83
N LEU A 287 -2.22 -18.01 15.23
CA LEU A 287 -1.98 -19.31 14.62
C LEU A 287 -3.26 -19.85 14.00
N ASN A 288 -4.33 -19.07 14.11
CA ASN A 288 -5.63 -19.42 13.58
C ASN A 288 -5.76 -18.93 12.13
N PRO A 289 -5.70 -19.86 11.16
CA PRO A 289 -5.67 -19.50 9.73
C PRO A 289 -6.96 -18.82 9.26
N VAL A 290 -8.10 -19.18 9.84
CA VAL A 290 -9.38 -18.58 9.48
C VAL A 290 -9.51 -17.15 10.03
N ARG A 291 -8.98 -16.92 11.24
CA ARG A 291 -8.96 -15.60 11.86
C ARG A 291 -7.96 -14.68 11.16
N ILE A 292 -6.82 -15.23 10.76
CA ILE A 292 -5.81 -14.48 10.02
C ILE A 292 -6.38 -13.96 8.70
N SER A 293 -7.13 -14.82 8.02
CA SER A 293 -7.69 -14.51 6.71
C SER A 293 -8.82 -13.50 6.77
N SER A 294 -9.67 -13.57 7.78
CA SER A 294 -10.86 -12.73 7.87
C SER A 294 -10.63 -11.37 8.52
N SER A 295 -9.64 -11.29 9.41
CA SER A 295 -9.38 -10.07 10.16
C SER A 295 -8.49 -9.10 9.38
N ILE A 296 -8.97 -8.67 8.23
CA ILE A 296 -8.24 -7.73 7.37
C ILE A 296 -9.08 -6.48 7.04
N GLU A 297 -10.11 -6.22 7.83
CA GLU A 297 -11.00 -5.08 7.61
C GLU A 297 -10.51 -3.84 8.36
N PHE A 298 -10.82 -2.66 7.83
CA PHE A 298 -10.31 -1.41 8.40
C PHE A 298 -11.41 -0.52 8.98
N ALA A 299 -11.20 -0.10 10.23
CA ALA A 299 -12.09 0.85 10.87
C ALA A 299 -11.42 2.22 10.91
N SER A 300 -11.85 3.11 10.01
CA SER A 300 -11.25 4.43 9.92
C SER A 300 -11.78 5.33 11.02
N LEU A 301 -11.22 5.13 12.21
CA LEU A 301 -11.65 5.85 13.41
C LEU A 301 -11.40 7.35 13.28
N THR A 302 -12.35 8.14 13.77
CA THR A 302 -12.25 9.59 13.73
C THR A 302 -11.22 10.06 14.76
N LYS A 303 -10.81 11.33 14.65
CA LYS A 303 -9.94 11.96 15.65
C LYS A 303 -10.54 11.92 17.06
N ASP A 304 -11.86 11.96 17.16
CA ASP A 304 -12.56 11.91 18.44
C ASP A 304 -12.54 10.52 19.05
N GLU A 305 -12.80 9.50 18.23
CA GLU A 305 -12.85 8.11 18.67
C GLU A 305 -11.48 7.59 19.12
N LEU A 306 -10.42 8.05 18.44
CA LEU A 306 -9.06 7.73 18.83
C LEU A 306 -8.70 8.36 20.17
N GLN A 307 -9.12 9.61 20.37
CA GLN A 307 -8.91 10.29 21.63
C GLN A 307 -9.66 9.60 22.77
N GLU A 308 -10.86 9.09 22.47
CA GLU A 308 -11.60 8.25 23.41
C GLU A 308 -10.79 7.01 23.82
N LEU A 309 -10.23 6.32 22.82
CA LEU A 309 -9.42 5.13 23.09
C LEU A 309 -8.13 5.45 23.84
N ASN A 310 -7.47 6.55 23.45
CA ASN A 310 -6.23 6.98 24.11
C ASN A 310 -6.45 7.48 25.54
N ASP A 311 -7.57 8.16 25.77
CA ASP A 311 -7.96 8.59 27.12
C ASP A 311 -8.19 7.39 28.02
N PHE A 312 -8.84 6.35 27.49
CA PHE A 312 -9.06 5.09 28.21
C PHE A 312 -7.75 4.49 28.71
N GLY A 313 -6.73 4.46 27.84
CA GLY A 313 -5.42 3.94 28.19
C GLY A 313 -4.70 4.76 29.26
N GLU A 314 -4.92 6.06 29.25
CA GLU A 314 -4.34 6.93 30.27
C GLU A 314 -5.00 6.77 31.64
N LYS A 315 -6.30 6.50 31.65
CA LYS A 315 -7.05 6.28 32.90
C LYS A 315 -6.89 4.84 33.41
N TYR A 316 -6.77 3.89 32.47
CA TYR A 316 -6.61 2.47 32.79
C TYR A 316 -5.34 1.90 32.16
N PRO A 317 -4.15 2.35 32.63
CA PRO A 317 -2.92 1.83 32.01
C PRO A 317 -2.62 0.38 32.41
N VAL A 318 -2.43 -0.48 31.41
CA VAL A 318 -1.97 -1.86 31.65
C VAL A 318 -0.91 -2.24 30.62
N ARG A 319 0.28 -2.55 31.11
CA ARG A 319 1.34 -3.11 30.28
C ARG A 319 1.32 -4.61 30.49
N PHE A 320 1.01 -5.35 29.43
CA PHE A 320 0.89 -6.80 29.53
C PHE A 320 2.24 -7.54 29.41
N ILE A 321 3.18 -6.96 28.66
CA ILE A 321 4.50 -7.57 28.46
C ILE A 321 5.54 -6.88 29.32
N ASP A 322 5.91 -7.53 30.42
CA ASP A 322 6.76 -6.96 31.45
C ASP A 322 7.39 -8.10 32.24
N GLU A 323 8.36 -8.77 31.65
CA GLU A 323 9.03 -9.91 32.27
C GLU A 323 10.18 -9.48 33.19
N PRO A 324 10.58 -10.34 34.14
CA PRO A 324 11.64 -9.99 35.10
C PRO A 324 12.93 -9.47 34.47
N PHE A 325 13.30 -9.98 33.29
CA PHE A 325 14.56 -9.57 32.64
C PHE A 325 14.59 -8.10 32.23
N ALA A 326 13.42 -7.49 32.11
CA ALA A 326 13.31 -6.09 31.67
C ALA A 326 13.23 -5.10 32.83
N ALA A 327 13.30 -5.62 34.06
CA ALA A 327 13.15 -4.81 35.28
C ALA A 327 14.13 -3.64 35.43
N ILE A 328 15.37 -3.80 34.96
CA ILE A 328 16.38 -2.73 35.09
C ILE A 328 16.11 -1.52 34.20
N LEU A 329 15.23 -1.69 33.23
CA LEU A 329 14.79 -0.58 32.39
C LEU A 329 13.76 0.24 33.16
N PRO A 330 13.92 1.58 33.16
CA PRO A 330 13.06 2.47 33.95
C PRO A 330 11.58 2.31 33.61
N GLU A 331 11.29 2.04 32.35
CA GLU A 331 9.94 1.89 31.84
C GLU A 331 9.23 0.59 32.27
N PHE A 332 10.01 -0.43 32.62
CA PHE A 332 9.49 -1.75 32.95
C PHE A 332 9.63 -2.10 34.43
N THR A 333 8.71 -2.89 34.95
CA THR A 333 8.75 -3.28 36.37
C THR A 333 9.19 -4.73 36.60
N GLY A 334 8.97 -5.59 35.61
CA GLY A 334 9.26 -7.02 35.72
C GLY A 334 8.13 -7.82 36.33
N ASN A 335 7.10 -7.12 36.79
CA ASN A 335 6.00 -7.73 37.55
C ASN A 335 4.73 -8.01 36.74
N GLY A 336 4.83 -7.92 35.42
CA GLY A 336 3.71 -8.19 34.52
C GLY A 336 2.59 -7.17 34.63
N PRO A 337 1.38 -7.55 34.16
CA PRO A 337 0.22 -6.65 34.10
C PRO A 337 -0.37 -6.29 35.46
N ASN A 338 -0.80 -5.03 35.59
CA ASN A 338 -1.56 -4.59 36.75
C ASN A 338 -3.03 -4.98 36.55
N LEU A 339 -3.43 -6.05 37.23
CA LEU A 339 -4.77 -6.63 37.08
C LEU A 339 -5.89 -5.76 37.66
N ASP A 340 -5.51 -4.81 38.51
CA ASP A 340 -6.48 -3.88 39.12
C ASP A 340 -7.10 -2.93 38.11
N ASN A 341 -6.40 -2.72 36.99
CA ASN A 341 -6.92 -1.90 35.89
C ASN A 341 -7.65 -2.75 34.83
N LEU A 342 -7.97 -4.00 35.18
CA LEU A 342 -8.77 -4.88 34.33
C LEU A 342 -10.21 -5.02 34.83
N LYS A 343 -10.50 -4.38 35.96
CA LYS A 343 -11.84 -4.43 36.56
C LYS A 343 -12.77 -3.41 35.91
N TYR A 344 -13.28 -3.76 34.74
CA TYR A 344 -14.25 -2.94 34.02
C TYR A 344 -15.30 -3.81 33.32
N MET B 15 -2.79 14.12 10.17
CA MET B 15 -1.90 13.17 10.91
C MET B 15 -2.46 11.74 10.95
N LEU B 16 -3.62 11.54 10.32
CA LEU B 16 -4.27 10.24 10.30
C LEU B 16 -3.99 9.46 9.02
N HIS B 17 -4.01 8.13 9.13
CA HIS B 17 -3.68 7.24 8.04
C HIS B 17 -4.81 6.24 7.75
N PRO B 18 -4.78 5.58 6.58
CA PRO B 18 -3.79 5.77 5.51
C PRO B 18 -4.03 7.06 4.74
N LYS B 19 -2.97 7.60 4.13
CA LYS B 19 -3.14 8.59 3.09
C LYS B 19 -3.49 7.79 1.84
N THR B 20 -4.15 8.42 0.88
CA THR B 20 -4.55 7.71 -0.33
C THR B 20 -3.33 7.26 -1.15
N THR B 21 -2.19 7.90 -0.88
CA THR B 21 -0.90 7.51 -1.44
C THR B 21 -0.33 6.24 -0.80
N GLU B 22 -0.96 5.80 0.29
CA GLU B 22 -0.47 4.65 1.06
C GLU B 22 -1.29 3.38 0.82
N ILE B 23 -2.20 3.43 -0.16
CA ILE B 23 -3.10 2.32 -0.45
C ILE B 23 -2.75 1.68 -1.79
N TYR B 24 -2.64 0.35 -1.78
CA TYR B 24 -2.23 -0.40 -2.94
C TYR B 24 -3.22 -1.53 -3.21
N PHE B 25 -3.70 -1.63 -4.45
CA PHE B 25 -4.61 -2.71 -4.82
C PHE B 25 -3.81 -3.78 -5.56
N SER B 26 -4.36 -4.99 -5.62
CA SER B 26 -3.68 -6.10 -6.29
C SER B 26 -4.37 -6.43 -7.62
N LEU B 27 -3.60 -6.40 -8.70
CA LEU B 27 -4.11 -6.77 -10.02
C LEU B 27 -4.27 -8.29 -10.08
N ASN B 28 -4.97 -8.77 -11.10
CA ASN B 28 -5.26 -10.21 -11.19
C ASN B 28 -4.05 -11.09 -11.51
N ASN B 29 -2.93 -10.47 -11.90
CA ASN B 29 -1.68 -11.20 -12.09
C ASN B 29 -0.73 -11.09 -10.88
N GLY B 30 -1.26 -10.62 -9.75
CA GLY B 30 -0.49 -10.50 -8.51
C GLY B 30 0.30 -9.20 -8.36
N VAL B 31 0.29 -8.36 -9.39
CA VAL B 31 1.02 -7.08 -9.34
C VAL B 31 0.23 -6.04 -8.54
N ARG B 32 0.94 -5.35 -7.65
CA ARG B 32 0.36 -4.28 -6.86
C ARG B 32 0.39 -2.96 -7.62
N ILE B 33 -0.72 -2.23 -7.55
CA ILE B 33 -0.84 -0.92 -8.19
C ILE B 33 -1.27 0.09 -7.13
N PRO B 34 -0.64 1.28 -7.09
CA PRO B 34 -1.13 2.29 -6.15
C PRO B 34 -2.54 2.74 -6.52
N ALA B 35 -3.41 2.78 -5.53
CA ALA B 35 -4.81 3.13 -5.72
C ALA B 35 -5.01 4.56 -6.22
N LEU B 36 -4.06 5.43 -5.89
CA LEU B 36 -4.06 6.81 -6.36
C LEU B 36 -2.98 7.03 -7.39
N GLY B 37 -3.36 7.63 -8.52
CA GLY B 37 -2.40 7.95 -9.56
C GLY B 37 -2.62 9.36 -10.08
N LEU B 38 -1.60 9.96 -10.66
CA LEU B 38 -1.74 11.26 -11.27
C LEU B 38 -2.13 11.15 -12.75
N GLY B 39 -3.24 11.79 -13.11
CA GLY B 39 -3.65 11.91 -14.51
C GLY B 39 -2.85 12.98 -15.24
N THR B 40 -2.52 12.72 -16.51
CA THR B 40 -1.70 13.64 -17.30
C THR B 40 -2.29 14.00 -18.68
N ALA B 41 -3.62 13.94 -18.82
CA ALA B 41 -4.29 14.35 -20.05
C ALA B 41 -4.53 15.87 -20.05
N ASN B 42 -3.44 16.62 -20.01
CA ASN B 42 -3.48 18.07 -19.87
C ASN B 42 -3.67 18.81 -21.20
N PRO B 43 -4.27 20.02 -21.16
CA PRO B 43 -4.51 20.81 -22.38
C PRO B 43 -3.22 21.10 -23.15
N HIS B 44 -3.36 21.28 -24.47
CA HIS B 44 -2.21 21.48 -25.35
C HIS B 44 -1.31 22.67 -24.97
N GLU B 45 -1.92 23.74 -24.48
CA GLU B 45 -1.16 24.93 -24.08
C GLU B 45 -0.38 24.73 -22.77
N LYS B 46 -0.72 23.67 -22.03
CA LYS B 46 -0.16 23.40 -20.70
C LYS B 46 0.65 22.11 -20.62
N LEU B 47 1.00 21.54 -21.78
CA LEU B 47 1.70 20.25 -21.83
C LEU B 47 2.95 20.20 -20.95
N ALA B 48 3.77 21.24 -21.03
CA ALA B 48 5.03 21.30 -20.30
C ALA B 48 4.87 21.44 -18.79
N GLU B 49 3.70 21.89 -18.33
CA GLU B 49 3.39 21.97 -16.90
C GLU B 49 3.25 20.58 -16.24
N THR B 50 3.16 19.55 -17.07
CA THR B 50 3.03 18.17 -16.58
C THR B 50 4.26 17.78 -15.74
N LYS B 51 5.43 18.25 -16.15
CA LYS B 51 6.69 17.88 -15.50
C LYS B 51 6.70 18.25 -14.01
N GLN B 52 6.35 19.49 -13.68
CA GLN B 52 6.31 19.93 -12.29
C GLN B 52 5.19 19.26 -11.49
N ALA B 53 4.11 18.90 -12.16
CA ALA B 53 2.98 18.19 -11.54
C ALA B 53 3.38 16.77 -11.14
N VAL B 54 4.08 16.06 -12.03
CA VAL B 54 4.60 14.72 -11.74
C VAL B 54 5.63 14.78 -10.60
N LYS B 55 6.56 15.74 -10.68
CA LYS B 55 7.54 15.93 -9.62
C LYS B 55 6.87 16.21 -8.28
N ALA B 56 5.90 17.13 -8.28
CA ALA B 56 5.13 17.44 -7.06
C ALA B 56 4.39 16.22 -6.52
N ALA B 57 3.78 15.46 -7.42
CA ALA B 57 3.02 14.26 -7.04
C ALA B 57 3.91 13.25 -6.32
N ILE B 58 5.03 12.90 -6.95
CA ILE B 58 5.93 11.89 -6.41
C ILE B 58 6.52 12.34 -5.07
N LYS B 59 6.87 13.63 -4.98
CA LYS B 59 7.40 14.21 -3.75
C LYS B 59 6.39 14.14 -2.60
N ALA B 60 5.12 14.30 -2.93
CA ALA B 60 4.04 14.19 -1.95
C ALA B 60 3.68 12.73 -1.65
N GLY B 61 4.21 11.82 -2.46
CA GLY B 61 4.08 10.39 -2.17
C GLY B 61 3.36 9.56 -3.21
N TYR B 62 2.87 10.18 -4.27
CA TYR B 62 2.32 9.45 -5.41
C TYR B 62 3.37 8.46 -5.92
N ARG B 63 2.95 7.24 -6.19
CA ARG B 63 3.83 6.24 -6.77
C ARG B 63 3.25 5.70 -8.08
N HIS B 64 2.26 6.42 -8.59
CA HIS B 64 1.51 6.01 -9.77
C HIS B 64 1.29 7.21 -10.67
N ILE B 65 1.76 7.08 -11.90
CA ILE B 65 1.55 8.11 -12.93
C ILE B 65 0.89 7.45 -14.14
N ASP B 66 -0.27 7.99 -14.52
CA ASP B 66 -1.02 7.52 -15.68
C ASP B 66 -0.85 8.51 -16.83
N THR B 67 -0.41 8.00 -17.97
CA THR B 67 -0.24 8.83 -19.16
C THR B 67 -0.74 8.09 -20.40
N ALA B 68 -0.42 8.60 -21.59
CA ALA B 68 -0.85 7.98 -22.84
C ALA B 68 -0.11 8.56 -24.04
N TRP B 69 0.08 7.71 -25.05
CA TRP B 69 0.66 8.10 -26.35
C TRP B 69 -0.04 9.34 -26.91
N ALA B 70 -1.35 9.41 -26.75
CA ALA B 70 -2.17 10.48 -27.33
C ALA B 70 -2.10 11.81 -26.59
N TYR B 71 -1.63 11.80 -25.35
CA TYR B 71 -1.70 13.01 -24.52
C TYR B 71 -0.66 14.04 -24.91
N GLU B 72 0.44 13.55 -25.47
CA GLU B 72 1.64 14.33 -25.74
C GLU B 72 2.34 14.82 -24.46
N THR B 73 2.09 14.12 -23.36
CA THR B 73 2.71 14.48 -22.07
C THR B 73 3.76 13.48 -21.61
N GLU B 74 3.87 12.35 -22.31
CA GLU B 74 4.90 11.34 -22.02
C GLU B 74 6.32 11.90 -21.86
N PRO B 75 6.76 12.81 -22.76
CA PRO B 75 8.12 13.35 -22.59
C PRO B 75 8.30 14.13 -21.29
N PHE B 76 7.24 14.80 -20.84
CA PHE B 76 7.31 15.57 -19.60
C PHE B 76 7.19 14.70 -18.36
N VAL B 77 6.43 13.61 -18.48
CA VAL B 77 6.40 12.57 -17.46
C VAL B 77 7.81 11.97 -17.33
N GLY B 78 8.38 11.63 -18.49
CA GLY B 78 9.72 11.04 -18.56
C GLY B 78 10.80 11.94 -17.99
N GLU B 79 10.69 13.24 -18.26
CA GLU B 79 11.65 14.24 -17.77
C GLU B 79 11.63 14.35 -16.25
N ALA B 80 10.42 14.37 -15.69
CA ALA B 80 10.25 14.45 -14.22
C ALA B 80 10.84 13.23 -13.54
N ILE B 81 10.53 12.04 -14.05
CA ILE B 81 11.06 10.80 -13.51
C ILE B 81 12.60 10.79 -13.58
N LYS B 82 13.16 11.17 -14.73
CA LYS B 82 14.62 11.21 -14.93
C LYS B 82 15.32 11.99 -13.81
N GLU B 83 14.77 13.16 -13.48
CA GLU B 83 15.36 14.04 -12.47
C GLU B 83 15.26 13.47 -11.06
N LEU B 84 14.14 12.82 -10.76
CA LEU B 84 13.95 12.23 -9.45
C LEU B 84 14.79 10.95 -9.27
N LEU B 85 15.05 10.26 -10.39
CA LEU B 85 15.97 9.13 -10.40
C LEU B 85 17.41 9.62 -10.17
N GLU B 86 17.79 10.67 -10.90
CA GLU B 86 19.14 11.22 -10.84
C GLU B 86 19.53 11.80 -9.48
N ASP B 87 18.60 12.49 -8.82
CA ASP B 87 18.88 13.08 -7.50
C ASP B 87 18.63 12.14 -6.32
N GLY B 88 18.22 10.91 -6.64
CA GLY B 88 18.04 9.86 -5.64
C GLY B 88 16.76 9.97 -4.83
N SER B 89 15.80 10.74 -5.32
CA SER B 89 14.49 10.88 -4.67
C SER B 89 13.64 9.63 -4.82
N ILE B 90 13.83 8.92 -5.94
CA ILE B 90 13.02 7.75 -6.26
C ILE B 90 13.82 6.71 -7.06
N LYS B 91 13.38 5.45 -7.00
CA LYS B 91 13.90 4.40 -7.88
C LYS B 91 12.82 3.94 -8.85
N ARG B 92 13.21 3.49 -10.05
CA ARG B 92 12.25 3.07 -11.07
C ARG B 92 11.24 2.03 -10.53
N GLU B 93 11.76 1.06 -9.80
CA GLU B 93 10.96 -0.02 -9.22
C GLU B 93 9.95 0.46 -8.16
N ASP B 94 10.11 1.69 -7.67
CA ASP B 94 9.19 2.28 -6.69
C ASP B 94 7.92 2.78 -7.38
N LEU B 95 8.00 2.96 -8.69
CA LEU B 95 6.95 3.63 -9.43
C LEU B 95 6.14 2.69 -10.30
N PHE B 96 4.87 3.04 -10.48
CA PHE B 96 3.96 2.35 -11.37
C PHE B 96 3.58 3.30 -12.48
N ILE B 97 4.01 2.98 -13.70
CA ILE B 97 3.77 3.84 -14.86
C ILE B 97 2.81 3.16 -15.84
N THR B 98 1.72 3.86 -16.16
CA THR B 98 0.74 3.40 -17.13
C THR B 98 0.78 4.25 -18.40
N THR B 99 0.75 3.59 -19.55
CA THR B 99 0.48 4.29 -20.80
C THR B 99 -0.52 3.53 -21.68
N LYS B 100 -0.87 4.10 -22.83
CA LYS B 100 -2.00 3.60 -23.60
C LYS B 100 -1.75 3.69 -25.09
N VAL B 101 -2.36 2.78 -25.84
CA VAL B 101 -2.31 2.78 -27.30
C VAL B 101 -3.59 3.46 -27.82
N TRP B 102 -3.40 4.47 -28.66
CA TRP B 102 -4.51 5.22 -29.26
C TRP B 102 -5.06 4.48 -30.49
N PRO B 103 -6.36 4.65 -30.81
CA PRO B 103 -6.96 3.94 -31.95
C PRO B 103 -6.27 4.09 -33.31
N VAL B 104 -5.49 5.16 -33.53
CA VAL B 104 -4.79 5.33 -34.80
C VAL B 104 -3.75 4.24 -35.05
N LEU B 105 -3.23 3.69 -33.96
CA LEU B 105 -2.27 2.60 -34.03
C LEU B 105 -2.86 1.31 -33.48
N TRP B 106 -4.16 1.15 -33.71
CA TRP B 106 -4.92 -0.02 -33.23
C TRP B 106 -4.26 -1.34 -33.62
N ASP B 107 -3.60 -1.35 -34.78
CA ASP B 107 -2.98 -2.56 -35.32
C ASP B 107 -1.45 -2.48 -35.30
N GLU B 108 -0.92 -1.49 -34.59
CA GLU B 108 0.52 -1.30 -34.47
C GLU B 108 0.91 -1.01 -33.02
N VAL B 109 0.50 -1.93 -32.14
CA VAL B 109 0.76 -1.84 -30.70
C VAL B 109 2.26 -1.77 -30.40
N ASP B 110 3.02 -2.69 -30.99
CA ASP B 110 4.47 -2.73 -30.83
C ASP B 110 5.10 -1.35 -31.08
N ARG B 111 4.73 -0.73 -32.20
CA ARG B 111 5.16 0.62 -32.55
C ARG B 111 4.76 1.63 -31.49
N SER B 112 3.48 1.61 -31.11
CA SER B 112 2.96 2.54 -30.10
C SER B 112 3.76 2.46 -28.81
N LEU B 113 4.04 1.23 -28.36
CA LEU B 113 4.78 0.98 -27.14
C LEU B 113 6.21 1.53 -27.20
N ASN B 114 6.94 1.21 -28.27
CA ASN B 114 8.30 1.70 -28.44
C ASN B 114 8.39 3.23 -28.49
N GLU B 115 7.44 3.87 -29.18
CA GLU B 115 7.34 5.33 -29.20
C GLU B 115 7.06 5.90 -27.82
N SER B 116 6.13 5.27 -27.10
CA SER B 116 5.83 5.65 -25.72
C SER B 116 7.06 5.51 -24.82
N LEU B 117 7.76 4.38 -24.91
CA LEU B 117 8.95 4.12 -24.09
C LEU B 117 10.09 5.11 -24.39
N LYS B 118 10.27 5.42 -25.67
CA LYS B 118 11.24 6.44 -26.10
C LYS B 118 10.89 7.80 -25.51
N ALA B 119 9.61 8.19 -25.62
CA ALA B 119 9.14 9.45 -25.05
C ALA B 119 9.33 9.50 -23.55
N LEU B 120 9.04 8.39 -22.87
CA LEU B 120 9.16 8.30 -21.42
C LEU B 120 10.60 8.12 -20.92
N GLY B 121 11.52 7.78 -21.82
CA GLY B 121 12.90 7.46 -21.45
C GLY B 121 12.97 6.27 -20.49
N LEU B 122 12.09 5.29 -20.70
CA LEU B 122 11.98 4.14 -19.83
C LEU B 122 12.17 2.84 -20.60
N GLU B 123 12.53 1.78 -19.88
CA GLU B 123 12.73 0.45 -20.47
C GLU B 123 11.44 -0.37 -20.47
N TYR B 124 10.54 -0.05 -19.55
CA TYR B 124 9.27 -0.76 -19.42
C TYR B 124 8.21 0.15 -18.82
N VAL B 125 6.94 -0.16 -19.12
CA VAL B 125 5.82 0.44 -18.41
C VAL B 125 5.17 -0.65 -17.57
N ASP B 126 4.57 -0.26 -16.45
CA ASP B 126 3.94 -1.22 -15.57
C ASP B 126 2.61 -1.70 -16.14
N LEU B 127 1.84 -0.78 -16.70
CA LEU B 127 0.56 -1.12 -17.31
C LEU B 127 0.41 -0.49 -18.69
N LEU B 128 0.02 -1.31 -19.67
CA LEU B 128 -0.25 -0.80 -21.01
C LEU B 128 -1.70 -1.09 -21.36
N LEU B 129 -2.45 -0.04 -21.70
CA LEU B 129 -3.87 -0.16 -21.98
C LEU B 129 -4.21 0.04 -23.46
N GLN B 130 -5.31 -0.58 -23.88
CA GLN B 130 -6.01 -0.16 -25.08
C GLN B 130 -6.83 1.06 -24.67
N HIS B 131 -6.53 2.20 -25.29
CA HIS B 131 -7.18 3.47 -24.92
C HIS B 131 -8.69 3.50 -25.22
N TRP B 132 -9.06 3.05 -26.42
CA TRP B 132 -10.47 2.95 -26.80
C TRP B 132 -10.74 1.66 -27.58
N PRO B 133 -11.96 1.10 -27.42
CA PRO B 133 -12.33 0.00 -28.30
C PRO B 133 -12.71 0.53 -29.70
N LEU B 134 -11.74 1.12 -30.38
CA LEU B 134 -11.96 1.82 -31.65
C LEU B 134 -10.73 1.69 -32.54
N CYS B 135 -10.93 1.84 -33.86
CA CYS B 135 -9.85 1.81 -34.82
C CYS B 135 -9.98 2.98 -35.78
N PHE B 136 -8.94 3.81 -35.86
CA PHE B 136 -8.97 4.98 -36.74
C PHE B 136 -8.15 4.74 -38.00
N GLU B 137 -8.52 5.44 -39.07
CA GLU B 137 -7.71 5.50 -40.29
C GLU B 137 -6.41 6.24 -40.01
N LYS B 138 -5.35 5.82 -40.71
CA LYS B 138 -4.05 6.46 -40.59
C LYS B 138 -3.92 7.55 -41.66
N ILE B 139 -4.11 8.80 -41.24
CA ILE B 139 -4.03 9.94 -42.15
C ILE B 139 -2.75 10.71 -41.87
N LYS B 140 -1.89 10.82 -42.88
CA LYS B 140 -0.63 11.52 -42.74
C LYS B 140 -0.82 13.01 -42.49
N ASP B 141 -0.07 13.52 -41.52
CA ASP B 141 -0.03 14.94 -41.18
C ASP B 141 1.25 15.18 -40.40
N PRO B 142 2.23 15.91 -41.01
CA PRO B 142 3.48 16.20 -40.30
C PRO B 142 3.24 16.94 -38.99
N LYS B 143 2.08 17.59 -38.89
CA LYS B 143 1.74 18.50 -37.80
C LYS B 143 0.88 17.82 -36.74
N GLY B 144 0.80 16.49 -36.79
CA GLY B 144 0.01 15.71 -35.85
C GLY B 144 0.88 15.03 -34.80
N ILE B 145 0.53 13.80 -34.45
CA ILE B 145 1.32 13.00 -33.51
C ILE B 145 1.97 11.85 -34.26
N SER B 146 3.32 11.81 -34.20
CA SER B 146 4.11 10.80 -34.92
C SER B 146 3.76 10.75 -36.41
N GLY B 147 3.51 11.92 -37.00
CA GLY B 147 3.19 12.03 -38.41
C GLY B 147 1.77 11.64 -38.81
N LEU B 148 0.88 11.53 -37.82
CA LEU B 148 -0.49 11.09 -38.07
C LEU B 148 -1.54 11.99 -37.41
N VAL B 149 -2.68 12.14 -38.06
CA VAL B 149 -3.82 12.84 -37.47
C VAL B 149 -4.30 12.01 -36.28
N LYS B 150 -4.42 12.65 -35.12
CA LYS B 150 -4.86 11.98 -33.89
C LYS B 150 -6.28 11.43 -34.00
N THR B 151 -7.20 12.30 -34.37
CA THR B 151 -8.62 11.94 -34.50
C THR B 151 -9.14 12.43 -35.85
N PRO B 152 -8.93 11.61 -36.91
CA PRO B 152 -9.23 12.01 -38.27
C PRO B 152 -10.73 12.12 -38.54
N VAL B 153 -11.11 13.20 -39.21
CA VAL B 153 -12.46 13.38 -39.74
C VAL B 153 -12.36 13.70 -41.23
N ASP B 154 -13.46 13.51 -41.96
CA ASP B 154 -13.55 14.02 -43.33
C ASP B 154 -14.15 15.42 -43.32
N ASP B 155 -14.50 15.96 -44.49
CA ASP B 155 -15.00 17.34 -44.59
C ASP B 155 -16.43 17.54 -44.08
N SER B 156 -17.06 16.48 -43.57
CA SER B 156 -18.47 16.50 -43.18
C SER B 156 -18.86 17.28 -41.90
N GLY B 157 -18.13 17.10 -40.79
CA GLY B 157 -16.93 16.26 -40.68
C GLY B 157 -17.06 15.15 -39.65
N LYS B 158 -17.22 13.92 -40.15
CA LYS B 158 -17.41 12.74 -39.31
C LYS B 158 -16.14 11.90 -39.18
N THR B 159 -16.00 11.22 -38.04
CA THR B 159 -14.80 10.45 -37.71
C THR B 159 -14.50 9.35 -38.74
N MET B 160 -13.22 9.26 -39.12
CA MET B 160 -12.77 8.27 -40.11
C MET B 160 -12.28 6.99 -39.44
N TYR B 161 -13.20 6.06 -39.24
CA TYR B 161 -12.87 4.74 -38.67
C TYR B 161 -12.23 3.85 -39.73
N ALA B 162 -11.32 2.99 -39.30
CA ALA B 162 -10.58 2.12 -40.21
C ALA B 162 -11.48 1.04 -40.78
N ALA B 163 -11.51 0.95 -42.11
CA ALA B 163 -12.37 0.00 -42.83
C ALA B 163 -12.17 -1.44 -42.36
N ASP B 164 -10.91 -1.86 -42.28
CA ASP B 164 -10.56 -3.22 -41.85
C ASP B 164 -10.40 -3.35 -40.33
N GLY B 165 -10.90 -2.36 -39.58
CA GLY B 165 -10.66 -2.29 -38.14
C GLY B 165 -11.43 -3.25 -37.25
N ASP B 166 -10.71 -4.00 -36.43
CA ASP B 166 -11.29 -4.80 -35.34
C ASP B 166 -10.61 -4.39 -34.05
N TYR B 167 -11.39 -3.81 -33.13
CA TYR B 167 -10.86 -3.25 -31.89
C TYR B 167 -10.13 -4.29 -31.02
N LEU B 168 -10.55 -5.54 -31.10
CA LEU B 168 -9.91 -6.61 -30.32
C LEU B 168 -8.52 -7.00 -30.82
N GLU B 169 -8.18 -6.63 -32.05
CA GLU B 169 -6.83 -6.84 -32.57
C GLU B 169 -5.79 -6.12 -31.70
N THR B 170 -6.16 -4.95 -31.19
CA THR B 170 -5.28 -4.19 -30.30
C THR B 170 -4.92 -5.01 -29.06
N TYR B 171 -5.94 -5.51 -28.36
CA TYR B 171 -5.73 -6.30 -27.15
C TYR B 171 -5.01 -7.61 -27.42
N LYS B 172 -5.30 -8.24 -28.56
CA LYS B 172 -4.62 -9.48 -28.98
C LYS B 172 -3.12 -9.23 -29.16
N GLN B 173 -2.77 -8.07 -29.69
CA GLN B 173 -1.37 -7.67 -29.82
C GLN B 173 -0.76 -7.31 -28.46
N LEU B 174 -1.56 -6.71 -27.59
CA LEU B 174 -1.16 -6.45 -26.21
C LEU B 174 -0.86 -7.78 -25.51
N GLU B 175 -1.76 -8.74 -25.68
CA GLU B 175 -1.60 -10.10 -25.15
C GLU B 175 -0.24 -10.70 -25.52
N LYS B 176 0.10 -10.60 -26.81
CA LYS B 176 1.32 -11.20 -27.34
C LYS B 176 2.62 -10.63 -26.77
N ILE B 177 2.62 -9.33 -26.50
CA ILE B 177 3.74 -8.66 -25.85
C ILE B 177 3.86 -9.06 -24.37
N TYR B 178 2.71 -9.13 -23.70
CA TYR B 178 2.62 -9.53 -22.29
C TYR B 178 3.04 -10.98 -22.08
N LEU B 179 2.69 -11.86 -23.01
CA LEU B 179 2.94 -13.30 -22.87
C LEU B 179 4.32 -13.74 -23.40
N ASP B 180 4.97 -12.88 -24.17
CA ASP B 180 6.29 -13.20 -24.74
C ASP B 180 7.35 -13.21 -23.62
N PRO B 181 7.91 -14.40 -23.32
CA PRO B 181 8.87 -14.53 -22.21
C PRO B 181 10.17 -13.74 -22.45
N ASN B 182 10.41 -13.37 -23.71
CA ASN B 182 11.59 -12.58 -24.10
C ASN B 182 11.28 -11.08 -24.19
N ASP B 183 10.07 -10.69 -23.83
CA ASP B 183 9.67 -9.30 -23.87
C ASP B 183 9.35 -8.81 -22.46
N HIS B 184 10.09 -7.80 -22.00
CA HIS B 184 9.94 -7.25 -20.65
C HIS B 184 9.50 -5.78 -20.63
N ARG B 185 8.83 -5.35 -21.70
CA ARG B 185 8.39 -3.95 -21.80
C ARG B 185 7.12 -3.62 -20.99
N VAL B 186 6.35 -4.64 -20.60
CA VAL B 186 5.14 -4.42 -19.77
C VAL B 186 5.08 -5.35 -18.56
N ARG B 187 4.33 -4.94 -17.54
CA ARG B 187 4.14 -5.78 -16.35
C ARG B 187 2.68 -6.21 -16.26
N ALA B 188 1.84 -5.60 -17.07
CA ALA B 188 0.40 -5.84 -17.06
C ALA B 188 -0.28 -5.19 -18.26
N ILE B 189 -1.40 -5.75 -18.68
CA ILE B 189 -2.22 -5.14 -19.72
C ILE B 189 -3.66 -4.92 -19.24
N GLY B 190 -4.36 -4.04 -19.93
CA GLY B 190 -5.74 -3.75 -19.60
C GLY B 190 -6.36 -2.94 -20.71
N VAL B 191 -7.54 -2.42 -20.45
CA VAL B 191 -8.30 -1.69 -21.44
C VAL B 191 -8.87 -0.44 -20.83
N SER B 192 -9.45 0.40 -21.68
CA SER B 192 -10.08 1.64 -21.26
C SER B 192 -11.33 1.88 -22.10
N ASN B 193 -12.39 2.37 -21.46
CA ASN B 193 -13.66 2.70 -22.12
C ASN B 193 -14.40 1.50 -22.72
N PHE B 194 -14.22 0.34 -22.10
CA PHE B 194 -14.90 -0.87 -22.54
C PHE B 194 -16.24 -1.02 -21.84
N SER B 195 -17.22 -1.48 -22.61
CA SER B 195 -18.54 -1.85 -22.09
C SER B 195 -18.50 -3.28 -21.60
N ILE B 196 -19.52 -3.69 -20.83
CA ILE B 196 -19.68 -5.09 -20.44
C ILE B 196 -19.64 -5.98 -21.69
N GLU B 197 -20.41 -5.58 -22.70
CA GLU B 197 -20.53 -6.30 -23.97
C GLU B 197 -19.18 -6.56 -24.65
N TYR B 198 -18.32 -5.54 -24.66
CA TYR B 198 -17.02 -5.64 -25.30
C TYR B 198 -16.06 -6.50 -24.48
N LEU B 199 -16.17 -6.38 -23.15
CA LEU B 199 -15.38 -7.19 -22.24
C LEU B 199 -15.76 -8.66 -22.36
N GLU B 200 -17.05 -8.94 -22.51
CA GLU B 200 -17.53 -10.30 -22.72
C GLU B 200 -16.91 -10.92 -23.97
N ARG B 201 -16.88 -10.16 -25.07
CA ARG B 201 -16.23 -10.62 -26.29
C ARG B 201 -14.74 -10.87 -26.05
N LEU B 202 -14.10 -9.97 -25.33
CA LEU B 202 -12.68 -10.11 -24.98
C LEU B 202 -12.43 -11.39 -24.17
N ILE B 203 -13.18 -11.57 -23.10
CA ILE B 203 -13.13 -12.78 -22.25
C ILE B 203 -13.41 -14.07 -23.05
N LYS B 204 -14.34 -13.98 -24.00
CA LYS B 204 -14.65 -15.09 -24.91
C LYS B 204 -13.49 -15.42 -25.86
N GLU B 205 -12.90 -14.38 -26.46
CA GLU B 205 -11.93 -14.57 -27.55
C GLU B 205 -10.47 -14.55 -27.11
N CYS B 206 -10.21 -14.04 -25.91
CA CYS B 206 -8.83 -13.82 -25.48
C CYS B 206 -8.47 -14.59 -24.21
N ARG B 207 -7.17 -14.81 -24.01
CA ARG B 207 -6.67 -15.61 -22.89
C ARG B 207 -6.38 -14.77 -21.64
N VAL B 208 -5.75 -13.60 -21.84
CA VAL B 208 -5.37 -12.74 -20.73
C VAL B 208 -6.52 -11.86 -20.27
N LYS B 209 -6.87 -11.98 -19.00
CA LYS B 209 -7.91 -11.15 -18.38
C LYS B 209 -7.34 -9.75 -18.13
N PRO B 210 -7.98 -8.70 -18.68
CA PRO B 210 -7.49 -7.35 -18.44
C PRO B 210 -7.43 -7.07 -16.94
N THR B 211 -6.32 -6.49 -16.50
CA THR B 211 -6.14 -6.19 -15.08
C THR B 211 -7.05 -5.04 -14.68
N VAL B 212 -7.25 -4.11 -15.62
CA VAL B 212 -8.10 -2.95 -15.39
C VAL B 212 -9.00 -2.61 -16.57
N ASN B 213 -10.11 -1.93 -16.27
CA ASN B 213 -10.89 -1.21 -17.26
C ASN B 213 -10.98 0.23 -16.80
N GLN B 214 -10.24 1.11 -17.47
CA GLN B 214 -10.23 2.52 -17.12
C GLN B 214 -11.39 3.27 -17.78
N VAL B 215 -12.30 3.76 -16.96
CA VAL B 215 -13.51 4.42 -17.43
C VAL B 215 -13.78 5.68 -16.62
N GLU B 216 -14.58 6.58 -17.19
CA GLU B 216 -15.13 7.67 -16.42
C GLU B 216 -16.12 7.10 -15.41
N THR B 217 -15.92 7.45 -14.14
CA THR B 217 -16.86 7.12 -13.08
C THR B 217 -16.64 8.06 -11.89
N HIS B 218 -17.72 8.30 -11.15
CA HIS B 218 -17.81 9.32 -10.11
C HIS B 218 -19.29 9.32 -9.70
N PRO B 219 -19.66 10.08 -8.65
CA PRO B 219 -21.06 10.04 -8.19
C PRO B 219 -22.11 10.44 -9.22
N HIS B 220 -21.73 11.19 -10.26
CA HIS B 220 -22.65 11.49 -11.36
C HIS B 220 -22.74 10.36 -12.38
N LEU B 221 -21.84 9.39 -12.28
CA LEU B 221 -21.84 8.25 -13.18
C LEU B 221 -21.27 7.02 -12.46
N PRO B 222 -22.09 6.39 -11.58
CA PRO B 222 -21.62 5.31 -10.71
C PRO B 222 -21.17 4.05 -11.44
N GLN B 223 -21.68 3.83 -12.66
CA GLN B 223 -21.32 2.65 -13.47
C GLN B 223 -21.54 1.33 -12.71
N MET B 224 -22.67 1.25 -12.00
CA MET B 224 -22.96 0.13 -11.09
C MET B 224 -22.85 -1.24 -11.75
N GLU B 225 -23.49 -1.41 -12.90
CA GLU B 225 -23.50 -2.68 -13.60
C GLU B 225 -22.09 -3.10 -14.04
N LEU B 226 -21.30 -2.14 -14.50
CA LEU B 226 -19.91 -2.39 -14.89
C LEU B 226 -19.06 -2.80 -13.70
N ARG B 227 -19.26 -2.11 -12.57
CA ARG B 227 -18.57 -2.43 -11.32
C ARG B 227 -18.85 -3.86 -10.87
N LYS B 228 -20.13 -4.24 -10.89
CA LYS B 228 -20.53 -5.59 -10.50
C LYS B 228 -19.91 -6.61 -11.44
N PHE B 229 -19.97 -6.34 -12.75
CA PHE B 229 -19.42 -7.23 -13.77
C PHE B 229 -17.91 -7.42 -13.60
N CYS B 230 -17.19 -6.31 -13.50
CA CYS B 230 -15.73 -6.36 -13.38
C CYS B 230 -15.27 -7.06 -12.12
N PHE B 231 -15.98 -6.86 -11.01
CA PHE B 231 -15.69 -7.56 -9.76
C PHE B 231 -15.87 -9.07 -9.91
N MET B 232 -16.93 -9.47 -10.62
CA MET B 232 -17.20 -10.89 -10.89
C MET B 232 -16.15 -11.53 -11.79
N HIS B 233 -15.41 -10.71 -12.55
CA HIS B 233 -14.43 -11.24 -13.50
C HIS B 233 -12.97 -10.91 -13.20
N ASP B 234 -12.70 -10.39 -12.00
CA ASP B 234 -11.33 -10.14 -11.56
C ASP B 234 -10.66 -9.02 -12.37
N ILE B 235 -11.45 -7.98 -12.65
CA ILE B 235 -10.96 -6.81 -13.38
C ILE B 235 -11.19 -5.60 -12.49
N LEU B 236 -10.15 -4.83 -12.22
CA LEU B 236 -10.30 -3.62 -11.43
C LEU B 236 -10.68 -2.45 -12.31
N LEU B 237 -11.58 -1.61 -11.81
CA LEU B 237 -11.88 -0.35 -12.46
C LEU B 237 -10.82 0.67 -12.08
N THR B 238 -10.47 1.50 -13.05
CA THR B 238 -9.74 2.73 -12.81
C THR B 238 -10.66 3.87 -13.21
N ALA B 239 -10.86 4.80 -12.28
CA ALA B 239 -11.75 5.93 -12.49
C ALA B 239 -10.97 7.13 -13.02
N TYR B 240 -11.36 7.62 -14.20
CA TYR B 240 -10.84 8.91 -14.68
C TYR B 240 -11.89 10.02 -14.62
N SER B 241 -11.43 11.27 -14.71
CA SER B 241 -12.29 12.44 -14.51
C SER B 241 -13.16 12.35 -13.27
N PRO B 242 -12.56 12.03 -12.09
CA PRO B 242 -13.37 11.85 -10.89
C PRO B 242 -14.00 13.14 -10.37
N LEU B 243 -13.48 14.30 -10.77
CA LEU B 243 -14.08 15.59 -10.43
C LEU B 243 -15.14 16.04 -11.43
N GLY B 244 -15.23 15.33 -12.55
CA GLY B 244 -16.22 15.66 -13.59
C GLY B 244 -15.64 16.50 -14.72
N SER B 245 -14.33 16.38 -14.93
CA SER B 245 -13.60 17.14 -15.95
C SER B 245 -13.67 18.65 -15.71
N HIS B 246 -13.94 19.41 -16.78
CA HIS B 246 -13.86 20.88 -16.75
C HIS B 246 -14.88 21.52 -15.81
N GLY B 247 -14.37 22.37 -14.91
CA GLY B 247 -15.20 23.06 -13.92
C GLY B 247 -15.28 22.35 -12.59
N ALA B 248 -14.82 21.10 -12.58
CA ALA B 248 -14.96 20.20 -11.41
C ALA B 248 -16.37 20.25 -10.79
N PRO B 249 -17.41 19.98 -11.61
CA PRO B 249 -18.80 20.10 -11.14
C PRO B 249 -19.18 19.12 -10.02
N ASN B 250 -18.42 18.04 -9.88
CA ASN B 250 -18.70 17.06 -8.81
C ASN B 250 -18.46 17.57 -7.40
N LEU B 251 -17.59 18.58 -7.28
CA LEU B 251 -17.34 19.26 -6.00
C LEU B 251 -18.57 20.04 -5.53
N LYS B 252 -19.48 20.32 -6.45
CA LYS B 252 -20.69 21.10 -6.17
C LYS B 252 -21.87 20.24 -5.72
N ILE B 253 -21.75 18.93 -5.82
CA ILE B 253 -22.80 18.01 -5.36
C ILE B 253 -22.98 18.18 -3.85
N PRO B 254 -24.21 18.52 -3.40
CA PRO B 254 -24.46 18.78 -1.98
C PRO B 254 -23.99 17.63 -1.08
N LEU B 255 -24.29 16.39 -1.47
CA LEU B 255 -23.88 15.22 -0.69
C LEU B 255 -22.36 15.09 -0.59
N VAL B 256 -21.66 15.44 -1.67
CA VAL B 256 -20.20 15.45 -1.67
C VAL B 256 -19.67 16.46 -0.65
N LYS B 257 -20.22 17.67 -0.67
CA LYS B 257 -19.85 18.74 0.27
C LYS B 257 -20.14 18.34 1.72
N LYS B 258 -21.32 17.75 1.95
CA LYS B 258 -21.74 17.30 3.28
C LYS B 258 -20.78 16.26 3.86
N LEU B 259 -20.44 15.26 3.07
CA LEU B 259 -19.63 14.16 3.56
C LEU B 259 -18.16 14.56 3.71
N ALA B 260 -17.69 15.45 2.84
CA ALA B 260 -16.37 16.05 2.98
C ALA B 260 -16.24 16.77 4.33
N GLU B 261 -17.27 17.54 4.70
CA GLU B 261 -17.34 18.21 6.00
C GLU B 261 -17.30 17.20 7.16
N LYS B 262 -18.09 16.12 7.04
CA LYS B 262 -18.18 15.10 8.07
C LYS B 262 -16.86 14.38 8.34
N TYR B 263 -16.13 14.07 7.26
CA TYR B 263 -14.86 13.33 7.37
C TYR B 263 -13.66 14.24 7.50
N ASN B 264 -13.92 15.55 7.61
CA ASN B 264 -12.88 16.56 7.77
C ASN B 264 -11.84 16.51 6.64
N VAL B 265 -12.33 16.39 5.42
CA VAL B 265 -11.49 16.36 4.22
C VAL B 265 -12.08 17.31 3.17
N THR B 266 -11.31 17.58 2.12
CA THR B 266 -11.80 18.40 1.00
C THR B 266 -12.71 17.57 0.11
N GLY B 267 -13.52 18.25 -0.71
CA GLY B 267 -14.34 17.58 -1.71
C GLY B 267 -13.48 16.73 -2.65
N ASN B 268 -12.26 17.19 -2.90
CA ASN B 268 -11.30 16.48 -3.74
C ASN B 268 -10.98 15.11 -3.14
N ASP B 269 -10.61 15.12 -1.85
CA ASP B 269 -10.37 13.89 -1.09
C ASP B 269 -11.60 12.99 -1.09
N LEU B 270 -12.78 13.60 -1.00
CA LEU B 270 -14.02 12.80 -0.93
C LEU B 270 -14.30 12.06 -2.22
N LEU B 271 -14.09 12.73 -3.34
CA LEU B 271 -14.32 12.16 -4.66
C LEU B 271 -13.26 11.13 -5.04
N ILE B 272 -12.06 11.29 -4.49
CA ILE B 272 -11.01 10.27 -4.60
C ILE B 272 -11.40 9.07 -3.75
N SER B 273 -11.78 9.32 -2.51
CA SER B 273 -12.11 8.26 -1.56
C SER B 273 -13.32 7.45 -1.99
N TYR B 274 -14.26 8.10 -2.68
CA TYR B 274 -15.45 7.44 -3.22
C TYR B 274 -15.06 6.19 -4.02
N HIS B 275 -14.00 6.31 -4.83
CA HIS B 275 -13.50 5.19 -5.62
C HIS B 275 -12.66 4.20 -4.82
N ILE B 276 -11.66 4.71 -4.11
CA ILE B 276 -10.74 3.84 -3.37
C ILE B 276 -11.50 2.97 -2.36
N ARG B 277 -12.49 3.57 -1.68
CA ARG B 277 -13.35 2.85 -0.75
C ARG B 277 -14.03 1.64 -1.39
N GLN B 278 -14.39 1.78 -2.66
CA GLN B 278 -15.08 0.71 -3.39
C GLN B 278 -14.13 -0.21 -4.14
N GLY B 279 -12.83 -0.06 -3.91
CA GLY B 279 -11.82 -0.92 -4.55
C GLY B 279 -11.46 -0.47 -5.95
N THR B 280 -11.76 0.80 -6.25
CA THR B 280 -11.54 1.37 -7.58
C THR B 280 -10.32 2.29 -7.56
N ILE B 281 -9.39 2.05 -8.47
CA ILE B 281 -8.22 2.90 -8.69
C ILE B 281 -8.70 4.22 -9.25
N VAL B 282 -8.04 5.32 -8.88
CA VAL B 282 -8.48 6.65 -9.29
C VAL B 282 -7.31 7.54 -9.71
N ILE B 283 -7.47 8.23 -10.84
CA ILE B 283 -6.40 9.05 -11.40
C ILE B 283 -6.81 10.51 -11.63
N PRO B 284 -7.01 11.28 -10.55
CA PRO B 284 -7.36 12.69 -10.76
C PRO B 284 -6.25 13.44 -11.50
N ARG B 285 -6.66 14.25 -12.48
CA ARG B 285 -5.72 15.08 -13.21
C ARG B 285 -5.61 16.44 -12.54
N SER B 286 -4.38 16.89 -12.32
CA SER B 286 -4.13 18.23 -11.83
C SER B 286 -2.76 18.74 -12.24
N LEU B 287 -2.66 20.07 -12.36
CA LEU B 287 -1.40 20.74 -12.63
C LEU B 287 -1.01 21.64 -11.46
N ASN B 288 -1.90 21.73 -10.48
CA ASN B 288 -1.67 22.52 -9.27
C ASN B 288 -0.85 21.70 -8.26
N PRO B 289 0.42 22.07 -8.05
CA PRO B 289 1.29 21.32 -7.14
C PRO B 289 0.79 21.33 -5.69
N VAL B 290 0.15 22.42 -5.30
CA VAL B 290 -0.37 22.61 -3.95
C VAL B 290 -1.53 21.67 -3.64
N ARG B 291 -2.50 21.57 -4.54
CA ARG B 291 -3.63 20.67 -4.33
C ARG B 291 -3.24 19.20 -4.52
N ILE B 292 -2.28 18.94 -5.40
CA ILE B 292 -1.73 17.59 -5.56
C ILE B 292 -1.14 17.09 -4.24
N SER B 293 -0.27 17.90 -3.64
CA SER B 293 0.39 17.57 -2.39
C SER B 293 -0.56 17.48 -1.21
N SER B 294 -1.61 18.29 -1.23
CA SER B 294 -2.56 18.38 -0.12
C SER B 294 -3.69 17.35 -0.17
N SER B 295 -4.14 17.00 -1.38
CA SER B 295 -5.34 16.19 -1.51
C SER B 295 -5.04 14.70 -1.43
N ILE B 296 -4.56 14.25 -0.27
CA ILE B 296 -4.18 12.86 -0.06
C ILE B 296 -4.87 12.20 1.14
N GLU B 297 -5.90 12.85 1.66
CA GLU B 297 -6.61 12.33 2.83
C GLU B 297 -7.69 11.33 2.42
N PHE B 298 -7.97 10.40 3.32
CA PHE B 298 -8.95 9.35 3.08
C PHE B 298 -10.23 9.53 3.92
N ALA B 299 -11.37 9.50 3.23
CA ALA B 299 -12.68 9.47 3.86
C ALA B 299 -13.25 8.06 3.67
N SER B 300 -13.22 7.27 4.73
CA SER B 300 -13.69 5.89 4.65
C SER B 300 -15.20 5.87 4.76
N LEU B 301 -15.86 6.09 3.62
CA LEU B 301 -17.32 6.24 3.57
C LEU B 301 -18.01 4.94 3.96
N THR B 302 -19.11 5.06 4.70
CA THR B 302 -19.88 3.88 5.09
C THR B 302 -20.59 3.32 3.87
N LYS B 303 -21.05 2.08 3.99
CA LYS B 303 -21.83 1.40 2.96
C LYS B 303 -23.09 2.22 2.60
N ASP B 304 -23.75 2.81 3.60
CA ASP B 304 -24.94 3.62 3.39
C ASP B 304 -24.65 4.94 2.68
N GLU B 305 -23.51 5.54 3.00
CA GLU B 305 -23.06 6.76 2.33
C GLU B 305 -22.73 6.50 0.86
N LEU B 306 -22.07 5.37 0.59
CA LEU B 306 -21.82 4.95 -0.78
C LEU B 306 -23.12 4.75 -1.56
N GLN B 307 -24.08 4.08 -0.93
CA GLN B 307 -25.39 3.86 -1.55
C GLN B 307 -26.10 5.19 -1.82
N GLU B 308 -25.97 6.14 -0.89
CA GLU B 308 -26.52 7.48 -1.08
C GLU B 308 -25.92 8.17 -2.29
N LEU B 309 -24.59 8.09 -2.40
CA LEU B 309 -23.85 8.67 -3.52
C LEU B 309 -24.22 7.98 -4.84
N ASN B 310 -24.28 6.65 -4.81
CA ASN B 310 -24.65 5.87 -5.99
C ASN B 310 -26.09 6.11 -6.44
N ASP B 311 -27.00 6.23 -5.47
CA ASP B 311 -28.39 6.60 -5.75
C ASP B 311 -28.47 7.93 -6.49
N PHE B 312 -27.76 8.94 -5.99
CA PHE B 312 -27.68 10.25 -6.64
C PHE B 312 -27.32 10.12 -8.11
N GLY B 313 -26.29 9.32 -8.40
CA GLY B 313 -25.82 9.10 -9.77
C GLY B 313 -26.82 8.46 -10.69
N GLU B 314 -27.62 7.53 -10.17
CA GLU B 314 -28.66 6.88 -10.96
C GLU B 314 -29.84 7.83 -11.20
N LYS B 315 -30.06 8.73 -10.25
CA LYS B 315 -31.14 9.72 -10.36
C LYS B 315 -30.76 10.83 -11.35
N TYR B 316 -29.49 11.26 -11.28
CA TYR B 316 -28.98 12.31 -12.17
C TYR B 316 -27.73 11.86 -12.92
N PRO B 317 -27.87 10.96 -13.91
CA PRO B 317 -26.70 10.49 -14.65
C PRO B 317 -26.08 11.58 -15.55
N VAL B 318 -24.77 11.77 -15.42
CA VAL B 318 -24.04 12.69 -16.31
C VAL B 318 -22.72 12.07 -16.72
N ARG B 319 -22.56 11.86 -18.03
CA ARG B 319 -21.30 11.42 -18.60
C ARG B 319 -20.61 12.62 -19.23
N PHE B 320 -19.55 13.10 -18.59
CA PHE B 320 -18.86 14.30 -19.04
C PHE B 320 -17.96 14.06 -20.24
N ILE B 321 -17.41 12.86 -20.36
CA ILE B 321 -16.50 12.54 -21.46
C ILE B 321 -17.23 11.67 -22.48
N ASP B 322 -17.70 12.33 -23.54
CA ASP B 322 -18.51 11.70 -24.57
C ASP B 322 -18.37 12.52 -25.86
N GLU B 323 -17.17 12.45 -26.45
CA GLU B 323 -16.84 13.19 -27.66
C GLU B 323 -17.41 12.52 -28.91
N PRO B 324 -17.53 13.28 -30.02
CA PRO B 324 -18.12 12.74 -31.25
C PRO B 324 -17.51 11.43 -31.73
N PHE B 325 -16.19 11.26 -31.60
CA PHE B 325 -15.54 10.05 -32.11
C PHE B 325 -16.02 8.75 -31.43
N ALA B 326 -16.59 8.89 -30.24
CA ALA B 326 -17.04 7.73 -29.47
C ALA B 326 -18.45 7.26 -29.83
N ALA B 327 -19.13 8.02 -30.70
CA ALA B 327 -20.56 7.80 -31.01
C ALA B 327 -20.98 6.38 -31.41
N ILE B 328 -20.16 5.68 -32.19
CA ILE B 328 -20.53 4.33 -32.66
C ILE B 328 -20.63 3.30 -31.53
N LEU B 329 -20.02 3.62 -30.39
CA LEU B 329 -20.09 2.79 -29.21
C LEU B 329 -21.47 2.94 -28.57
N PRO B 330 -22.16 1.80 -28.30
CA PRO B 330 -23.54 1.77 -27.80
C PRO B 330 -23.74 2.54 -26.49
N GLU B 331 -22.67 2.63 -25.71
CA GLU B 331 -22.68 3.32 -24.42
C GLU B 331 -22.54 4.84 -24.55
N PHE B 332 -21.93 5.29 -25.64
CA PHE B 332 -21.63 6.70 -25.86
C PHE B 332 -22.55 7.33 -26.90
N THR B 333 -22.99 8.56 -26.65
CA THR B 333 -23.86 9.27 -27.59
C THR B 333 -23.06 10.19 -28.52
N GLY B 334 -21.94 10.70 -28.03
CA GLY B 334 -21.10 11.64 -28.78
C GLY B 334 -21.51 13.08 -28.60
N ASN B 335 -22.52 13.30 -27.74
CA ASN B 335 -23.11 14.62 -27.54
C ASN B 335 -22.65 15.31 -26.25
N GLY B 336 -21.54 14.84 -25.68
CA GLY B 336 -21.05 15.36 -24.41
C GLY B 336 -22.06 15.17 -23.28
N PRO B 337 -21.91 15.93 -22.18
CA PRO B 337 -22.75 15.74 -20.99
C PRO B 337 -24.19 16.20 -21.16
N ASN B 338 -25.09 15.61 -20.37
CA ASN B 338 -26.47 16.08 -20.28
C ASN B 338 -26.56 17.15 -19.19
N LEU B 339 -26.64 18.41 -19.62
CA LEU B 339 -26.66 19.56 -18.72
C LEU B 339 -27.92 19.67 -17.86
N ASP B 340 -28.97 18.93 -18.23
CA ASP B 340 -30.24 18.93 -17.50
C ASP B 340 -30.15 18.25 -16.13
N ASN B 341 -29.21 17.31 -15.98
CA ASN B 341 -29.02 16.59 -14.73
C ASN B 341 -28.06 17.27 -13.74
N LEU B 342 -27.49 18.41 -14.15
CA LEU B 342 -26.66 19.22 -13.27
C LEU B 342 -27.46 20.31 -12.57
N LYS B 343 -28.73 20.44 -12.95
CA LYS B 343 -29.63 21.44 -12.36
C LYS B 343 -30.44 20.83 -11.22
N TYR B 344 -29.73 20.23 -10.26
CA TYR B 344 -30.35 19.61 -9.09
C TYR B 344 -30.49 20.63 -7.96
S SO4 C . 0.98 -12.32 22.59
O1 SO4 C . 1.84 -12.67 21.46
O2 SO4 C . -0.04 -13.36 22.77
O3 SO4 C . 1.80 -12.23 23.80
O4 SO4 C . 0.33 -11.04 22.34
S SO4 D . -1.72 -10.42 19.91
O1 SO4 D . -0.37 -10.17 19.41
O2 SO4 D . -1.81 -11.81 20.34
O3 SO4 D . -2.00 -9.54 21.04
O4 SO4 D . -2.69 -10.18 18.84
C1 GOL E . 16.32 -1.51 -1.28
O1 GOL E . 16.16 -0.52 -0.29
C2 GOL E . 17.70 -1.47 -1.93
O2 GOL E . 18.68 -1.44 -0.92
C3 GOL E . 17.89 -2.73 -2.76
O3 GOL E . 16.90 -2.84 -3.76
S SO4 F . -10.40 15.43 -12.79
O1 SO4 F . -10.00 16.73 -13.33
O2 SO4 F . -9.66 14.37 -13.49
O3 SO4 F . -10.09 15.38 -11.37
O4 SO4 F . -11.84 15.25 -13.01
S SO4 G . -10.33 16.08 -17.34
O1 SO4 G . -10.38 17.51 -17.07
O2 SO4 G . -8.94 15.69 -17.63
O3 SO4 G . -10.80 15.33 -16.18
O4 SO4 G . -11.17 15.77 -18.50
#